data_6ICO
#
_entry.id   6ICO
#
_cell.length_a   135.881
_cell.length_b   135.881
_cell.length_c   155.610
_cell.angle_alpha   90.00
_cell.angle_beta   90.00
_cell.angle_gamma   120.00
#
_symmetry.space_group_name_H-M   'P 32 2 1'
#
loop_
_entity.id
_entity.type
_entity.pdbx_description
1 polymer 'Methylxanthine N1-demethylase NdmA'
2 non-polymer 'FE2/S2 (INORGANIC) CLUSTER'
3 non-polymer 'COBALT (II) ION'
4 non-polymer THEOPHYLLINE
5 water water
#
_entity_poly.entity_id   1
_entity_poly.type   'polypeptide(L)'
_entity_poly.pdbx_seq_one_letter_code
;MGSSHHHHHHENLYFQGSMEQAIINDEREYLRHFWHPVCTVTELEKAHPSSLGPLAVKLLNEQLVVAKLGDEYVAMRDRC
AHRSAKLSLGTVSGNRLQCPYHGWQYDTHGACQLVPACPNSPIPNKAKVDRFDCEERYGLIWIRLDSSFDCTEIPYFSAA
NDPRLRIVIQEPYWWDATAERRWENFTDFSHFAFIHPGTLFDPNNAEPPIVPMDRFNGQFRFVYDTPEDMAVPNQAPIGS
FSYTCSMPFAINLEVSKYSSSSLHVLFNVSCPVDSHTTKNFLIFAREQSDDSDYLHIAFNDLVFAEDKPVIESQWPKDAP
ADEVSVVADKVSIQYRKWLRELKEAHKEGSQAFRSALLDPVIESDRSYI
;
_entity_poly.pdbx_strand_id   A,B,C
#
# COMPACT_ATOMS: atom_id res chain seq x y z
N ASN A 25 8.75 -16.98 -4.00
CA ASN A 25 10.04 -16.91 -4.67
C ASN A 25 10.50 -18.34 -5.12
N ASP A 26 11.59 -18.85 -4.54
CA ASP A 26 12.12 -20.19 -4.77
C ASP A 26 11.03 -21.23 -5.01
N GLU A 27 9.95 -21.14 -4.25
CA GLU A 27 8.87 -22.10 -4.35
C GLU A 27 8.21 -22.07 -5.72
N ARG A 28 8.32 -20.96 -6.44
CA ARG A 28 7.59 -20.79 -7.67
C ARG A 28 8.47 -20.91 -8.89
N GLU A 29 9.77 -21.16 -8.73
CA GLU A 29 10.64 -21.18 -9.89
C GLU A 29 10.23 -22.27 -10.88
N TYR A 30 9.75 -23.40 -10.38
CA TYR A 30 9.43 -24.48 -11.30
C TYR A 30 8.31 -24.09 -12.27
N LEU A 31 7.44 -23.15 -11.87
CA LEU A 31 6.35 -22.73 -12.76
C LEU A 31 6.84 -21.99 -14.00
N ARG A 32 8.06 -21.44 -13.97
CA ARG A 32 8.59 -20.73 -15.14
C ARG A 32 8.80 -21.67 -16.32
N HIS A 33 8.84 -22.98 -16.08
CA HIS A 33 9.08 -23.96 -17.13
C HIS A 33 7.84 -24.32 -17.94
N PHE A 34 6.66 -23.87 -17.51
CA PHE A 34 5.41 -24.13 -18.22
C PHE A 34 5.02 -22.94 -19.10
N TRP A 35 4.18 -23.23 -20.09
CA TRP A 35 3.54 -22.20 -20.90
C TRP A 35 2.35 -21.65 -20.14
N HIS A 36 2.27 -20.32 -20.03
CA HIS A 36 1.13 -19.66 -19.39
C HIS A 36 0.50 -18.65 -20.33
N PRO A 37 -0.83 -18.54 -20.34
CA PRO A 37 -1.47 -17.52 -21.16
C PRO A 37 -1.32 -16.17 -20.47
N VAL A 38 -1.09 -15.12 -21.26
CA VAL A 38 -0.90 -13.80 -20.66
C VAL A 38 -1.93 -12.79 -21.15
N CYS A 39 -2.57 -13.03 -22.29
CA CYS A 39 -3.59 -12.12 -22.82
C CYS A 39 -4.32 -12.84 -23.94
N THR A 40 -5.49 -12.32 -24.31
CA THR A 40 -6.13 -12.76 -25.53
C THR A 40 -5.54 -12.01 -26.72
N VAL A 41 -5.67 -12.62 -27.91
CA VAL A 41 -5.29 -11.89 -29.12
C VAL A 41 -6.07 -10.59 -29.23
N THR A 42 -7.36 -10.63 -28.88
CA THR A 42 -8.15 -9.40 -28.84
C THR A 42 -7.49 -8.32 -27.97
N GLU A 43 -7.04 -8.69 -26.76
CA GLU A 43 -6.39 -7.69 -25.91
C GLU A 43 -5.17 -7.08 -26.57
N LEU A 44 -4.36 -7.92 -27.23
CA LEU A 44 -3.18 -7.40 -27.91
C LEU A 44 -3.58 -6.41 -29.00
N GLU A 45 -4.58 -6.76 -29.80
CA GLU A 45 -4.98 -5.90 -30.93
C GLU A 45 -5.62 -4.61 -30.47
N LYS A 46 -6.32 -4.64 -29.34
CA LYS A 46 -6.94 -3.44 -28.78
C LYS A 46 -5.96 -2.52 -28.05
N ALA A 47 -4.76 -3.01 -27.71
CA ALA A 47 -3.90 -2.25 -26.81
C ALA A 47 -3.43 -0.94 -27.42
N HIS A 48 -3.16 -0.93 -28.71
CA HIS A 48 -2.54 0.16 -29.45
C HIS A 48 -3.32 0.33 -30.75
N PRO A 49 -3.53 1.57 -31.21
CA PRO A 49 -4.32 1.78 -32.44
C PRO A 49 -3.77 1.08 -33.68
N SER A 50 -2.48 0.74 -33.69
CA SER A 50 -1.91 0.02 -34.84
C SER A 50 -2.43 -1.40 -34.97
N SER A 51 -2.99 -1.96 -33.89
CA SER A 51 -3.44 -3.34 -33.74
C SER A 51 -2.29 -4.33 -33.60
N LEU A 52 -1.03 -3.85 -33.50
CA LEU A 52 0.14 -4.73 -33.45
C LEU A 52 0.73 -4.79 -32.05
N GLY A 53 0.08 -4.18 -31.07
CA GLY A 53 0.72 -3.95 -29.80
C GLY A 53 1.55 -2.68 -29.89
N PRO A 54 2.45 -2.45 -28.92
CA PRO A 54 2.79 -3.38 -27.83
C PRO A 54 1.76 -3.42 -26.71
N LEU A 55 1.78 -4.50 -25.92
CA LEU A 55 0.94 -4.64 -24.75
C LEU A 55 1.81 -5.06 -23.58
N ALA A 56 1.72 -4.36 -22.47
CA ALA A 56 2.40 -4.81 -21.24
C ALA A 56 1.59 -5.93 -20.59
N VAL A 57 2.28 -6.98 -20.16
CA VAL A 57 1.70 -8.11 -19.44
C VAL A 57 2.63 -8.47 -18.30
N LYS A 58 2.10 -9.20 -17.32
CA LYS A 58 2.87 -9.61 -16.15
C LYS A 58 2.63 -11.09 -15.91
N LEU A 59 3.70 -11.83 -15.65
CA LEU A 59 3.63 -13.29 -15.51
C LEU A 59 4.64 -13.67 -14.44
N LEU A 60 4.19 -14.33 -13.36
CA LEU A 60 5.09 -14.74 -12.28
C LEU A 60 5.98 -13.58 -11.83
N ASN A 61 5.38 -12.40 -11.71
CA ASN A 61 6.01 -11.16 -11.28
C ASN A 61 7.03 -10.59 -12.26
N GLU A 62 7.10 -11.10 -13.49
CA GLU A 62 7.95 -10.52 -14.53
C GLU A 62 7.15 -9.53 -15.37
N GLN A 63 7.74 -8.37 -15.63
CA GLN A 63 7.11 -7.37 -16.48
C GLN A 63 7.60 -7.59 -17.91
N LEU A 64 6.68 -7.96 -18.79
CA LEU A 64 6.97 -8.35 -20.16
C LEU A 64 6.19 -7.46 -21.11
N VAL A 65 6.60 -7.47 -22.38
CA VAL A 65 5.85 -6.78 -23.41
C VAL A 65 5.64 -7.74 -24.57
N VAL A 66 4.45 -7.74 -25.14
CA VAL A 66 4.10 -8.59 -26.27
C VAL A 66 3.81 -7.70 -27.48
N ALA A 67 4.29 -8.11 -28.66
CA ALA A 67 3.98 -7.35 -29.86
C ALA A 67 3.96 -8.29 -31.05
N LYS A 68 3.23 -7.88 -32.10
CA LYS A 68 3.22 -8.65 -33.35
C LYS A 68 4.25 -8.02 -34.29
N LEU A 69 5.38 -8.70 -34.46
CA LEU A 69 6.50 -8.25 -35.28
C LEU A 69 6.51 -9.09 -36.54
N GLY A 70 6.03 -8.52 -37.64
CA GLY A 70 5.87 -9.32 -38.84
C GLY A 70 4.83 -10.39 -38.59
N ASP A 71 5.17 -11.64 -38.92
CA ASP A 71 4.24 -12.74 -38.77
C ASP A 71 4.30 -13.40 -37.40
N GLU A 72 5.07 -12.85 -36.47
CA GLU A 72 5.36 -13.56 -35.23
C GLU A 72 4.89 -12.72 -34.05
N TYR A 73 4.35 -13.40 -33.03
CA TYR A 73 4.14 -12.78 -31.72
C TYR A 73 5.41 -12.93 -30.90
N VAL A 74 5.91 -11.82 -30.37
CA VAL A 74 7.19 -11.79 -29.67
C VAL A 74 6.94 -11.30 -28.25
N ALA A 75 7.63 -11.93 -27.28
CA ALA A 75 7.62 -11.46 -25.90
C ALA A 75 9.03 -11.07 -25.48
N MET A 76 9.18 -9.86 -24.93
CA MET A 76 10.46 -9.37 -24.43
C MET A 76 10.27 -8.86 -23.00
N ARG A 77 11.37 -8.75 -22.27
CA ARG A 77 11.28 -8.03 -21.01
C ARG A 77 10.90 -6.58 -21.28
N ASP A 78 9.98 -6.02 -20.48
CA ASP A 78 9.48 -4.67 -20.70
C ASP A 78 10.42 -3.60 -20.13
N ARG A 79 11.64 -3.53 -20.67
CA ARG A 79 12.67 -2.67 -20.08
C ARG A 79 13.77 -2.50 -21.12
N CYS A 80 13.89 -1.29 -21.65
CA CYS A 80 14.90 -1.00 -22.66
C CYS A 80 16.31 -1.12 -22.07
N ALA A 81 17.26 -1.64 -22.87
CA ALA A 81 18.62 -1.80 -22.36
C ALA A 81 19.35 -0.47 -22.18
N HIS A 82 18.90 0.59 -22.85
CA HIS A 82 19.55 1.90 -22.85
C HIS A 82 19.37 2.60 -21.52
N ARG A 83 18.15 3.09 -21.24
CA ARG A 83 17.90 3.78 -19.98
C ARG A 83 16.64 3.27 -19.28
N SER A 84 16.28 2.00 -19.52
CA SER A 84 15.31 1.27 -18.71
C SER A 84 13.87 1.78 -18.86
N ALA A 85 13.55 2.50 -19.93
CA ALA A 85 12.15 2.86 -20.18
C ALA A 85 11.34 1.62 -20.55
N LYS A 86 10.01 1.70 -20.38
CA LYS A 86 9.16 0.57 -20.77
C LYS A 86 8.92 0.57 -22.28
N LEU A 87 9.34 -0.52 -22.94
CA LEU A 87 9.05 -0.70 -24.35
C LEU A 87 7.56 -0.77 -24.64
N SER A 88 6.74 -1.12 -23.66
CA SER A 88 5.29 -1.17 -23.84
C SER A 88 4.68 0.20 -24.06
N LEU A 89 5.41 1.28 -23.79
CA LEU A 89 4.96 2.62 -24.17
C LEU A 89 5.44 3.01 -25.56
N GLY A 90 6.10 2.09 -26.26
CA GLY A 90 6.65 2.35 -27.58
C GLY A 90 5.74 1.95 -28.72
N THR A 91 6.34 1.67 -29.87
CA THR A 91 5.59 1.50 -31.11
C THR A 91 6.24 0.40 -31.95
N VAL A 92 5.41 -0.41 -32.63
CA VAL A 92 5.94 -1.36 -33.61
C VAL A 92 6.26 -0.60 -34.88
N SER A 93 7.46 -0.81 -35.41
CA SER A 93 7.92 -0.14 -36.63
C SER A 93 8.49 -1.22 -37.53
N GLY A 94 7.80 -1.51 -38.63
CA GLY A 94 8.19 -2.65 -39.45
C GLY A 94 8.06 -3.91 -38.62
N ASN A 95 9.14 -4.70 -38.58
CA ASN A 95 9.17 -5.91 -37.79
C ASN A 95 9.97 -5.73 -36.52
N ARG A 96 10.01 -4.51 -35.99
CA ARG A 96 10.78 -4.21 -34.79
C ARG A 96 9.92 -3.45 -33.78
N LEU A 97 10.35 -3.48 -32.52
CA LEU A 97 9.71 -2.75 -31.42
C LEU A 97 10.60 -1.56 -31.05
N GLN A 98 10.05 -0.35 -31.18
CA GLN A 98 10.81 0.87 -30.98
C GLN A 98 10.53 1.46 -29.60
N CYS A 99 11.59 1.70 -28.83
CA CYS A 99 11.46 2.31 -27.50
C CYS A 99 10.93 3.74 -27.62
N PRO A 100 10.06 4.17 -26.68
CA PRO A 100 9.54 5.55 -26.72
C PRO A 100 10.54 6.64 -26.40
N TYR A 101 11.65 6.32 -25.72
CA TYR A 101 12.47 7.38 -25.16
C TYR A 101 13.49 7.90 -26.18
N HIS A 102 14.39 7.03 -26.66
CA HIS A 102 15.35 7.48 -27.67
C HIS A 102 15.27 6.63 -28.94
N GLY A 103 14.19 5.88 -29.13
CA GLY A 103 13.92 5.26 -30.40
C GLY A 103 14.78 4.06 -30.77
N TRP A 104 15.44 3.42 -29.81
CA TRP A 104 16.15 2.18 -30.13
C TRP A 104 15.14 1.15 -30.65
N GLN A 105 15.53 0.39 -31.66
CA GLN A 105 14.63 -0.58 -32.28
C GLN A 105 15.14 -2.00 -32.03
N TYR A 106 14.27 -2.87 -31.54
CA TYR A 106 14.62 -4.23 -31.19
C TYR A 106 13.96 -5.21 -32.15
N ASP A 107 14.73 -6.22 -32.58
CA ASP A 107 14.21 -7.21 -33.52
C ASP A 107 13.55 -8.35 -32.75
N THR A 108 13.08 -9.37 -33.49
CA THR A 108 12.36 -10.46 -32.85
C THR A 108 13.21 -11.25 -31.88
N HIS A 109 14.54 -11.10 -31.93
CA HIS A 109 15.41 -11.79 -30.99
C HIS A 109 15.80 -10.93 -29.80
N GLY A 110 15.19 -9.75 -29.66
CA GLY A 110 15.56 -8.83 -28.61
C GLY A 110 16.84 -8.05 -28.84
N ALA A 111 17.42 -8.11 -30.05
CA ALA A 111 18.67 -7.40 -30.32
C ALA A 111 18.40 -6.02 -30.88
N CYS A 112 19.13 -5.01 -30.38
CA CYS A 112 18.94 -3.67 -30.93
C CYS A 112 19.59 -3.59 -32.30
N GLN A 113 18.85 -3.07 -33.28
CA GLN A 113 19.34 -2.97 -34.64
C GLN A 113 19.41 -1.53 -35.14
N LEU A 114 19.00 -0.56 -34.33
CA LEU A 114 19.07 0.85 -34.73
C LEU A 114 19.19 1.70 -33.48
N VAL A 115 20.24 2.52 -33.44
CA VAL A 115 20.41 3.55 -32.41
C VAL A 115 20.32 4.89 -33.13
N PRO A 116 19.17 5.57 -33.12
CA PRO A 116 19.02 6.75 -33.99
C PRO A 116 20.01 7.86 -33.70
N ALA A 117 20.50 8.00 -32.47
CA ALA A 117 21.40 9.09 -32.15
C ALA A 117 22.81 8.89 -32.72
N CYS A 118 23.18 7.65 -33.02
CA CYS A 118 24.55 7.29 -33.41
C CYS A 118 24.52 6.41 -34.65
N PRO A 119 23.88 6.87 -35.73
CA PRO A 119 23.55 5.95 -36.81
C PRO A 119 24.76 5.25 -37.41
N ASN A 120 25.92 5.92 -37.41
CA ASN A 120 27.14 5.35 -37.97
C ASN A 120 27.88 4.47 -36.97
N SER A 121 27.87 4.84 -35.68
CA SER A 121 28.65 4.12 -34.69
C SER A 121 28.20 2.66 -34.59
N PRO A 122 29.09 1.76 -34.18
CA PRO A 122 28.66 0.39 -33.93
C PRO A 122 27.72 0.31 -32.73
N ILE A 123 26.72 -0.55 -32.85
CA ILE A 123 25.75 -0.72 -31.75
C ILE A 123 26.42 -1.50 -30.63
N PRO A 124 26.31 -1.08 -29.37
CA PRO A 124 26.96 -1.82 -28.29
C PRO A 124 26.56 -3.29 -28.28
N ASN A 125 27.54 -4.13 -27.93
CA ASN A 125 27.28 -5.56 -27.84
C ASN A 125 26.16 -5.89 -26.85
N LYS A 126 26.06 -5.13 -25.76
CA LYS A 126 25.05 -5.44 -24.76
C LYS A 126 23.71 -4.75 -25.02
N ALA A 127 23.55 -4.10 -26.18
CA ALA A 127 22.27 -3.45 -26.51
C ALA A 127 21.27 -4.52 -26.96
N LYS A 128 20.68 -5.19 -25.97
CA LYS A 128 19.72 -6.25 -26.25
C LYS A 128 18.91 -6.45 -24.99
N VAL A 129 17.71 -7.02 -25.16
CA VAL A 129 16.85 -7.35 -24.03
C VAL A 129 16.44 -8.81 -24.12
N ASP A 130 16.14 -9.41 -22.96
CA ASP A 130 15.75 -10.82 -22.93
C ASP A 130 14.45 -11.06 -23.69
N ARG A 131 14.41 -12.15 -24.43
CA ARG A 131 13.26 -12.56 -25.22
C ARG A 131 12.81 -13.92 -24.72
N PHE A 132 11.51 -14.24 -24.83
CA PHE A 132 10.96 -15.47 -24.29
C PHE A 132 10.08 -16.17 -25.32
N ASP A 133 10.07 -17.51 -25.28
CA ASP A 133 9.17 -18.27 -26.14
C ASP A 133 7.75 -17.75 -26.01
N CYS A 134 7.11 -17.50 -27.16
CA CYS A 134 5.81 -16.84 -27.21
C CYS A 134 5.05 -17.36 -28.42
N GLU A 135 3.84 -17.87 -28.23
CA GLU A 135 3.04 -18.40 -29.32
C GLU A 135 1.57 -18.06 -29.12
N GLU A 136 0.87 -17.84 -30.23
CA GLU A 136 -0.59 -17.83 -30.20
C GLU A 136 -1.14 -19.24 -30.34
N ARG A 137 -2.16 -19.55 -29.55
CA ARG A 137 -2.93 -20.78 -29.74
C ARG A 137 -4.30 -20.58 -29.11
N TYR A 138 -5.35 -20.98 -29.84
CA TYR A 138 -6.74 -20.88 -29.37
C TYR A 138 -7.22 -19.45 -29.17
N GLY A 139 -6.53 -18.48 -29.76
CA GLY A 139 -6.91 -17.09 -29.56
C GLY A 139 -6.34 -16.45 -28.31
N LEU A 140 -5.42 -17.13 -27.62
CA LEU A 140 -4.65 -16.59 -26.50
C LEU A 140 -3.19 -16.52 -26.89
N ILE A 141 -2.45 -15.64 -26.20
CA ILE A 141 -1.00 -15.54 -26.33
C ILE A 141 -0.37 -16.23 -25.13
N TRP A 142 0.54 -17.17 -25.39
CA TRP A 142 1.18 -17.98 -24.35
C TRP A 142 2.65 -17.65 -24.28
N ILE A 143 3.22 -17.65 -23.06
CA ILE A 143 4.63 -17.36 -22.86
C ILE A 143 5.24 -18.44 -21.96
N ARG A 144 6.42 -18.93 -22.33
CA ARG A 144 7.20 -19.82 -21.46
C ARG A 144 8.48 -19.09 -21.06
N LEU A 145 8.63 -18.82 -19.76
CA LEU A 145 9.74 -17.98 -19.32
C LEU A 145 11.07 -18.74 -19.37
N ASP A 146 11.05 -20.02 -19.03
CA ASP A 146 12.27 -20.83 -19.00
C ASP A 146 12.07 -22.02 -19.93
N SER A 147 12.86 -22.07 -20.99
CA SER A 147 12.73 -23.13 -21.99
C SER A 147 13.85 -24.16 -21.91
N SER A 148 14.68 -24.08 -20.86
CA SER A 148 15.90 -24.89 -20.80
C SER A 148 15.62 -26.36 -20.56
N PHE A 149 14.52 -26.72 -19.89
CA PHE A 149 14.20 -28.14 -19.75
C PHE A 149 13.57 -28.70 -21.02
N ASP A 150 12.91 -27.83 -21.79
CA ASP A 150 12.37 -28.17 -23.12
C ASP A 150 11.52 -29.44 -23.11
N CYS A 151 10.57 -29.52 -22.16
CA CYS A 151 9.69 -30.68 -22.15
C CYS A 151 8.23 -30.33 -21.87
N THR A 152 7.85 -29.07 -21.93
CA THR A 152 6.47 -28.66 -21.69
C THR A 152 5.84 -28.13 -22.98
N GLU A 153 4.52 -28.25 -23.09
CA GLU A 153 3.80 -27.79 -24.27
C GLU A 153 2.60 -26.96 -23.85
N ILE A 154 2.05 -26.24 -24.82
CA ILE A 154 0.84 -25.46 -24.56
C ILE A 154 -0.31 -26.39 -24.22
N PRO A 155 -1.12 -26.08 -23.20
CA PRO A 155 -2.24 -26.95 -22.81
C PRO A 155 -3.19 -27.34 -23.94
N TYR A 156 -3.89 -28.46 -23.73
CA TYR A 156 -4.81 -29.04 -24.70
C TYR A 156 -6.22 -28.47 -24.52
N PHE A 157 -6.78 -27.98 -25.63
CA PHE A 157 -8.17 -27.55 -25.75
C PHE A 157 -8.83 -28.48 -26.77
N SER A 158 -9.80 -29.28 -26.34
CA SER A 158 -10.31 -30.35 -27.18
C SER A 158 -11.13 -29.82 -28.36
N ALA A 159 -11.73 -28.64 -28.23
CA ALA A 159 -12.68 -28.16 -29.22
C ALA A 159 -12.04 -27.44 -30.39
N ALA A 160 -10.74 -27.14 -30.31
CA ALA A 160 -10.07 -26.49 -31.42
C ALA A 160 -10.17 -27.36 -32.68
N ASN A 161 -10.52 -26.73 -33.80
CA ASN A 161 -10.59 -27.41 -35.09
C ASN A 161 -11.67 -28.51 -35.11
N ASP A 162 -12.72 -28.36 -34.32
CA ASP A 162 -13.90 -29.21 -34.43
C ASP A 162 -15.01 -28.37 -35.05
N PRO A 163 -15.27 -28.50 -36.36
CA PRO A 163 -16.25 -27.62 -37.00
C PRO A 163 -17.68 -27.83 -36.54
N ARG A 164 -17.96 -28.87 -35.77
CA ARG A 164 -19.29 -29.02 -35.19
C ARG A 164 -19.56 -28.00 -34.08
N LEU A 165 -18.55 -27.26 -33.63
CA LEU A 165 -18.64 -26.48 -32.40
C LEU A 165 -18.38 -25.00 -32.67
N ARG A 166 -19.23 -24.14 -32.10
CA ARG A 166 -19.00 -22.70 -32.11
C ARG A 166 -18.22 -22.32 -30.85
N ILE A 167 -17.11 -21.60 -31.02
CA ILE A 167 -16.20 -21.25 -29.92
C ILE A 167 -16.37 -19.78 -29.56
N VAL A 168 -16.41 -19.49 -28.26
CA VAL A 168 -16.50 -18.14 -27.73
C VAL A 168 -15.35 -17.94 -26.74
N ILE A 169 -14.55 -16.90 -26.94
CA ILE A 169 -13.47 -16.54 -26.02
C ILE A 169 -13.98 -15.41 -25.15
N GLN A 170 -14.10 -15.64 -23.84
CA GLN A 170 -14.56 -14.58 -22.96
C GLN A 170 -13.46 -13.59 -22.66
N GLU A 171 -13.86 -12.40 -22.21
CA GLU A 171 -12.88 -11.46 -21.71
C GLU A 171 -12.25 -12.03 -20.45
N PRO A 172 -10.97 -11.75 -20.20
CA PRO A 172 -10.32 -12.27 -18.98
C PRO A 172 -10.98 -11.70 -17.73
N TYR A 173 -10.88 -12.44 -16.63
CA TYR A 173 -11.40 -11.98 -15.34
C TYR A 173 -10.31 -12.10 -14.28
N TRP A 174 -10.14 -11.06 -13.48
CA TRP A 174 -9.05 -11.00 -12.49
C TRP A 174 -9.58 -11.38 -11.12
N TRP A 175 -8.85 -12.25 -10.42
CA TRP A 175 -9.18 -12.61 -9.03
C TRP A 175 -7.99 -12.38 -8.11
N ASP A 176 -8.28 -11.94 -6.89
CA ASP A 176 -7.27 -11.88 -5.84
C ASP A 176 -7.13 -13.27 -5.20
N ALA A 177 -6.69 -14.23 -6.02
CA ALA A 177 -6.47 -15.59 -5.55
C ALA A 177 -5.43 -16.24 -6.45
N THR A 178 -4.75 -17.26 -5.93
CA THR A 178 -3.66 -17.90 -6.67
C THR A 178 -4.21 -18.87 -7.72
N ALA A 179 -3.36 -19.21 -8.68
CA ALA A 179 -3.76 -20.14 -9.72
C ALA A 179 -4.06 -21.52 -9.16
N GLU A 180 -3.33 -21.92 -8.12
CA GLU A 180 -3.62 -23.21 -7.48
C GLU A 180 -5.01 -23.22 -6.85
N ARG A 181 -5.35 -22.18 -6.08
CA ARG A 181 -6.67 -22.19 -5.48
C ARG A 181 -7.76 -22.07 -6.53
N ARG A 182 -7.47 -21.38 -7.63
CA ARG A 182 -8.46 -21.28 -8.71
C ARG A 182 -8.68 -22.64 -9.37
N TRP A 183 -7.60 -23.36 -9.67
CA TRP A 183 -7.72 -24.71 -10.23
C TRP A 183 -8.57 -25.60 -9.32
N GLU A 184 -8.26 -25.61 -8.02
CA GLU A 184 -9.01 -26.46 -7.11
C GLU A 184 -10.47 -26.04 -7.01
N ASN A 185 -10.77 -24.75 -7.11
CA ASN A 185 -12.16 -24.32 -7.15
C ASN A 185 -12.86 -24.85 -8.40
N PHE A 186 -12.16 -24.86 -9.54
CA PHE A 186 -12.86 -25.23 -10.77
C PHE A 186 -13.21 -26.72 -10.82
N THR A 187 -12.40 -27.59 -10.21
CA THR A 187 -12.56 -29.04 -10.26
C THR A 187 -13.25 -29.60 -9.02
N ASP A 188 -13.72 -28.76 -8.13
CA ASP A 188 -14.45 -29.22 -6.97
C ASP A 188 -15.95 -29.15 -7.21
N PHE A 189 -16.66 -30.19 -6.81
CA PHE A 189 -18.11 -30.19 -6.88
C PHE A 189 -18.76 -30.24 -5.51
N SER A 190 -18.00 -30.57 -4.47
CA SER A 190 -18.45 -30.41 -3.09
C SER A 190 -19.11 -29.06 -2.85
N HIS A 191 -18.64 -28.00 -3.53
CA HIS A 191 -19.09 -26.64 -3.21
C HIS A 191 -20.35 -26.22 -3.97
N PHE A 192 -20.77 -27.01 -4.95
CA PHE A 192 -21.90 -26.59 -5.80
C PHE A 192 -23.14 -26.28 -4.99
N ALA A 193 -23.48 -27.13 -4.01
CA ALA A 193 -24.72 -26.90 -3.27
C ALA A 193 -24.68 -25.62 -2.46
N PHE A 194 -23.49 -25.16 -2.08
CA PHE A 194 -23.36 -24.02 -1.19
C PHE A 194 -23.02 -22.72 -1.91
N ILE A 195 -22.27 -22.80 -3.01
CA ILE A 195 -21.86 -21.59 -3.71
C ILE A 195 -22.77 -21.39 -4.93
N HIS A 196 -23.20 -22.49 -5.55
CA HIS A 196 -24.00 -22.43 -6.78
C HIS A 196 -25.36 -23.14 -6.65
N PRO A 197 -26.14 -22.92 -5.59
CA PRO A 197 -27.38 -23.69 -5.46
C PRO A 197 -28.40 -23.39 -6.55
N GLY A 198 -28.55 -22.13 -6.94
CA GLY A 198 -29.51 -21.87 -8.00
C GLY A 198 -29.06 -22.26 -9.37
N THR A 199 -27.78 -22.47 -9.56
CA THR A 199 -27.15 -22.33 -10.87
C THR A 199 -26.53 -23.61 -11.40
N LEU A 200 -25.78 -24.36 -10.59
CA LEU A 200 -25.15 -25.57 -11.09
C LEU A 200 -25.68 -26.86 -10.48
N PHE A 201 -25.99 -26.88 -9.19
CA PHE A 201 -26.43 -28.11 -8.54
C PHE A 201 -27.63 -27.84 -7.65
N ASP A 202 -28.32 -28.93 -7.28
CA ASP A 202 -29.28 -28.88 -6.18
C ASP A 202 -28.54 -28.67 -4.86
N PRO A 203 -29.16 -27.96 -3.91
CA PRO A 203 -28.54 -27.80 -2.59
C PRO A 203 -28.43 -29.10 -1.79
N ASN A 204 -29.24 -30.12 -2.10
CA ASN A 204 -29.29 -31.33 -1.29
C ASN A 204 -28.53 -32.51 -1.90
N ASN A 205 -27.80 -32.29 -2.99
CA ASN A 205 -26.81 -33.27 -3.45
C ASN A 205 -25.44 -32.65 -3.20
N ALA A 206 -24.96 -32.81 -1.97
CA ALA A 206 -23.64 -32.34 -1.58
C ALA A 206 -22.61 -33.46 -1.58
N GLU A 207 -23.06 -34.73 -1.68
CA GLU A 207 -22.15 -35.87 -1.61
C GLU A 207 -21.73 -36.28 -3.01
N PRO A 208 -20.45 -36.15 -3.36
CA PRO A 208 -20.00 -36.48 -4.71
C PRO A 208 -19.31 -37.83 -4.75
N PRO A 209 -19.20 -38.45 -5.92
CA PRO A 209 -18.45 -39.71 -6.02
C PRO A 209 -16.95 -39.43 -5.99
N ILE A 210 -16.20 -40.50 -5.76
CA ILE A 210 -14.75 -40.44 -5.78
C ILE A 210 -14.29 -41.25 -6.99
N VAL A 211 -13.68 -40.59 -7.97
CA VAL A 211 -13.42 -41.27 -9.24
C VAL A 211 -11.94 -41.58 -9.40
N PRO A 212 -11.60 -42.56 -10.24
CA PRO A 212 -10.19 -42.79 -10.56
C PRO A 212 -9.61 -41.60 -11.32
N MET A 213 -8.34 -41.31 -11.07
CA MET A 213 -7.62 -40.26 -11.77
C MET A 213 -6.36 -40.84 -12.43
N ASP A 214 -6.18 -40.52 -13.71
CA ASP A 214 -5.03 -40.95 -14.48
C ASP A 214 -4.13 -39.76 -14.79
N ARG A 215 -2.82 -39.97 -14.71
CA ARG A 215 -1.82 -39.06 -15.25
C ARG A 215 -1.37 -39.59 -16.59
N PHE A 216 -1.45 -38.77 -17.63
CA PHE A 216 -1.03 -39.18 -18.95
C PHE A 216 -0.57 -37.96 -19.73
N ASN A 217 0.67 -37.99 -20.22
CA ASN A 217 1.23 -36.93 -21.06
C ASN A 217 1.15 -35.56 -20.38
N GLY A 218 1.43 -35.52 -19.07
CA GLY A 218 1.39 -34.28 -18.34
C GLY A 218 0.00 -33.75 -18.08
N GLN A 219 -1.03 -34.59 -18.20
CA GLN A 219 -2.41 -34.22 -17.95
C GLN A 219 -3.01 -35.11 -16.86
N PHE A 220 -3.85 -34.52 -16.03
CA PHE A 220 -4.79 -35.29 -15.22
C PHE A 220 -6.05 -35.56 -16.05
N ARG A 221 -6.46 -36.83 -16.12
CA ARG A 221 -7.68 -37.21 -16.80
C ARG A 221 -8.61 -37.92 -15.82
N PHE A 222 -9.87 -37.51 -15.78
CA PHE A 222 -10.86 -38.18 -14.93
C PHE A 222 -12.25 -37.84 -15.44
N VAL A 223 -13.20 -38.73 -15.16
CA VAL A 223 -14.54 -38.65 -15.72
C VAL A 223 -15.56 -38.73 -14.60
N TYR A 224 -16.58 -37.88 -14.65
CA TYR A 224 -17.67 -37.87 -13.70
C TYR A 224 -18.99 -38.12 -14.40
N ASP A 225 -20.04 -38.20 -13.58
CA ASP A 225 -21.42 -38.26 -14.04
C ASP A 225 -22.24 -37.54 -12.97
N THR A 226 -22.43 -36.23 -13.18
CA THR A 226 -23.13 -35.39 -12.21
C THR A 226 -24.58 -35.83 -12.09
N PRO A 227 -25.27 -35.43 -11.00
CA PRO A 227 -26.65 -35.88 -10.81
C PRO A 227 -27.62 -35.33 -11.86
N GLU A 228 -28.56 -36.19 -12.25
CA GLU A 228 -29.58 -35.91 -13.24
C GLU A 228 -30.83 -35.32 -12.58
N ASP A 229 -31.67 -34.70 -13.41
CA ASP A 229 -32.98 -34.17 -13.01
C ASP A 229 -32.86 -33.05 -11.97
N MET A 230 -31.77 -32.29 -12.00
CA MET A 230 -31.59 -31.20 -11.05
C MET A 230 -32.25 -29.92 -11.58
N ALA A 231 -32.82 -29.14 -10.66
CA ALA A 231 -33.57 -27.93 -11.00
C ALA A 231 -32.57 -26.79 -11.25
N VAL A 232 -31.93 -26.85 -12.41
CA VAL A 232 -30.95 -25.85 -12.82
C VAL A 232 -31.30 -25.38 -14.22
N PRO A 233 -30.87 -24.18 -14.60
CA PRO A 233 -31.24 -23.63 -15.92
C PRO A 233 -30.79 -24.54 -17.06
N ASN A 234 -31.49 -24.40 -18.20
CA ASN A 234 -31.18 -25.22 -19.36
C ASN A 234 -29.81 -24.91 -19.94
N GLN A 235 -29.35 -23.66 -19.80
CA GLN A 235 -28.01 -23.28 -20.28
C GLN A 235 -26.90 -23.72 -19.34
N ALA A 236 -27.24 -24.28 -18.17
CA ALA A 236 -26.24 -24.87 -17.29
C ALA A 236 -25.58 -26.07 -17.96
N PRO A 237 -24.25 -26.08 -18.14
CA PRO A 237 -23.60 -27.28 -18.67
C PRO A 237 -23.51 -28.37 -17.63
N ILE A 238 -24.59 -29.11 -17.42
CA ILE A 238 -24.66 -30.21 -16.46
C ILE A 238 -24.90 -31.50 -17.22
N GLY A 239 -24.06 -32.51 -16.97
CA GLY A 239 -24.18 -33.80 -17.64
C GLY A 239 -23.08 -34.76 -17.25
N SER A 240 -22.56 -35.52 -18.22
CA SER A 240 -21.40 -36.39 -18.01
C SER A 240 -20.13 -35.59 -18.30
N PHE A 241 -19.25 -35.51 -17.29
CA PHE A 241 -18.10 -34.59 -17.29
C PHE A 241 -16.81 -35.36 -17.55
N SER A 242 -16.07 -34.97 -18.59
CA SER A 242 -14.77 -35.58 -18.88
C SER A 242 -13.68 -34.52 -18.82
N TYR A 243 -12.76 -34.64 -17.85
CA TYR A 243 -11.72 -33.65 -17.61
C TYR A 243 -10.40 -34.08 -18.22
N THR A 244 -9.74 -33.16 -18.92
CA THR A 244 -8.35 -33.30 -19.34
C THR A 244 -7.63 -32.05 -18.85
N CYS A 245 -6.83 -32.18 -17.80
CA CYS A 245 -6.22 -31.04 -17.13
C CYS A 245 -4.72 -31.02 -17.42
N SER A 246 -4.29 -30.11 -18.29
CA SER A 246 -2.86 -29.97 -18.58
C SER A 246 -2.18 -29.26 -17.42
N MET A 247 -1.26 -29.95 -16.75
CA MET A 247 -0.62 -29.39 -15.56
C MET A 247 0.22 -28.21 -15.97
N PRO A 248 0.24 -27.16 -15.12
CA PRO A 248 -0.40 -27.10 -13.80
C PRO A 248 -1.75 -26.41 -13.71
N PHE A 249 -2.13 -25.54 -14.65
CA PHE A 249 -3.28 -24.68 -14.38
C PHE A 249 -4.40 -24.71 -15.42
N ALA A 250 -4.33 -25.57 -16.42
CA ALA A 250 -5.37 -25.54 -17.46
C ALA A 250 -6.35 -26.69 -17.30
N ILE A 251 -7.64 -26.40 -17.46
CA ILE A 251 -8.69 -27.42 -17.38
C ILE A 251 -9.50 -27.44 -18.66
N ASN A 252 -9.59 -28.62 -19.29
CA ASN A 252 -10.47 -28.86 -20.43
C ASN A 252 -11.58 -29.78 -19.95
N LEU A 253 -12.81 -29.28 -19.93
CA LEU A 253 -13.97 -30.03 -19.42
C LEU A 253 -14.96 -30.23 -20.58
N GLU A 254 -15.12 -31.48 -21.02
CA GLU A 254 -16.12 -31.83 -22.01
C GLU A 254 -17.37 -32.31 -21.31
N VAL A 255 -18.49 -31.64 -21.56
CA VAL A 255 -19.78 -31.98 -21.00
C VAL A 255 -20.66 -32.56 -22.11
N SER A 256 -21.14 -33.78 -21.90
CA SER A 256 -22.29 -34.29 -22.66
C SER A 256 -23.53 -34.00 -21.82
N LYS A 257 -24.24 -32.92 -22.18
CA LYS A 257 -25.31 -32.40 -21.33
C LYS A 257 -26.50 -33.35 -21.26
N TYR A 258 -27.17 -33.35 -20.11
CA TYR A 258 -28.37 -34.16 -19.92
C TYR A 258 -29.60 -33.51 -20.55
N SER A 259 -29.72 -32.19 -20.44
CA SER A 259 -30.94 -31.50 -20.86
C SER A 259 -31.06 -31.36 -22.37
N SER A 260 -29.94 -31.33 -23.09
CA SER A 260 -29.97 -31.07 -24.52
C SER A 260 -29.32 -32.15 -25.38
N SER A 261 -28.67 -33.15 -24.79
CA SER A 261 -27.97 -34.19 -25.53
C SER A 261 -26.97 -33.60 -26.55
N SER A 262 -26.19 -32.61 -26.10
CA SER A 262 -25.26 -31.91 -26.97
C SER A 262 -23.96 -31.59 -26.23
N LEU A 263 -22.88 -31.50 -26.99
CA LEU A 263 -21.55 -31.32 -26.40
C LEU A 263 -21.31 -29.85 -26.04
N HIS A 264 -20.77 -29.63 -24.85
CA HIS A 264 -20.41 -28.30 -24.37
C HIS A 264 -19.03 -28.42 -23.72
N VAL A 265 -18.07 -27.60 -24.15
CA VAL A 265 -16.69 -27.69 -23.69
C VAL A 265 -16.32 -26.39 -22.97
N LEU A 266 -15.76 -26.51 -21.77
CA LEU A 266 -15.23 -25.36 -21.04
C LEU A 266 -13.72 -25.51 -20.93
N PHE A 267 -12.99 -24.47 -21.32
CA PHE A 267 -11.54 -24.46 -21.22
C PHE A 267 -11.18 -23.29 -20.31
N ASN A 268 -10.69 -23.58 -19.12
CA ASN A 268 -10.37 -22.54 -18.15
C ASN A 268 -8.89 -22.64 -17.78
N VAL A 269 -8.19 -21.51 -17.81
CA VAL A 269 -6.76 -21.48 -17.49
C VAL A 269 -6.42 -20.17 -16.79
N SER A 270 -5.54 -20.24 -15.79
CA SER A 270 -5.18 -19.09 -14.97
C SER A 270 -3.78 -18.64 -15.30
N CYS A 271 -3.60 -17.37 -15.54
CA CYS A 271 -2.27 -16.77 -15.57
C CYS A 271 -1.83 -16.45 -14.15
N PRO A 272 -0.75 -17.04 -13.63
CA PRO A 272 -0.23 -16.62 -12.33
C PRO A 272 0.51 -15.30 -12.44
N VAL A 273 -0.18 -14.20 -12.17
CA VAL A 273 0.37 -12.88 -12.45
C VAL A 273 1.43 -12.52 -11.43
N ASP A 274 1.15 -12.76 -10.15
CA ASP A 274 2.13 -12.61 -9.08
C ASP A 274 1.68 -13.53 -7.94
N SER A 275 2.21 -13.28 -6.74
CA SER A 275 2.01 -14.19 -5.61
C SER A 275 0.57 -14.21 -5.12
N HIS A 276 -0.27 -13.24 -5.46
CA HIS A 276 -1.64 -13.27 -4.94
C HIS A 276 -2.72 -12.97 -5.98
N THR A 277 -2.39 -12.97 -7.28
CA THR A 277 -3.31 -12.50 -8.30
C THR A 277 -3.34 -13.50 -9.45
N THR A 278 -4.53 -13.70 -10.02
CA THR A 278 -4.64 -14.45 -11.26
C THR A 278 -5.39 -13.63 -12.32
N LYS A 279 -4.95 -13.75 -13.56
CA LYS A 279 -5.71 -13.31 -14.72
C LYS A 279 -6.23 -14.58 -15.38
N ASN A 280 -7.55 -14.74 -15.40
CA ASN A 280 -8.16 -16.01 -15.76
C ASN A 280 -8.88 -15.92 -17.09
N PHE A 281 -8.78 -17.00 -17.88
CA PHE A 281 -9.35 -17.07 -19.22
C PHE A 281 -10.35 -18.21 -19.28
N LEU A 282 -11.52 -17.96 -19.86
CA LEU A 282 -12.48 -18.99 -20.17
C LEU A 282 -12.80 -18.94 -21.66
N ILE A 283 -12.68 -20.09 -22.32
CA ILE A 283 -13.13 -20.29 -23.70
C ILE A 283 -14.16 -21.40 -23.63
N PHE A 284 -15.32 -21.21 -24.27
CA PHE A 284 -16.31 -22.29 -24.26
C PHE A 284 -16.79 -22.55 -25.67
N ALA A 285 -17.09 -23.82 -25.93
CA ALA A 285 -17.50 -24.28 -27.25
C ALA A 285 -18.78 -25.08 -27.11
N ARG A 286 -19.64 -25.01 -28.11
CA ARG A 286 -20.91 -25.70 -27.96
C ARG A 286 -21.38 -26.23 -29.32
N GLU A 287 -21.97 -27.41 -29.28
CA GLU A 287 -22.50 -28.04 -30.48
C GLU A 287 -23.81 -27.41 -30.91
N GLN A 288 -24.71 -27.19 -29.96
CA GLN A 288 -26.00 -26.53 -30.21
C GLN A 288 -25.76 -25.02 -30.08
N SER A 289 -25.69 -24.33 -31.21
CA SER A 289 -25.16 -22.98 -31.23
C SER A 289 -26.09 -21.98 -31.91
N ASP A 290 -27.38 -22.32 -32.05
CA ASP A 290 -28.35 -21.39 -32.62
C ASP A 290 -28.87 -20.38 -31.60
N ASP A 291 -28.53 -20.53 -30.34
CA ASP A 291 -28.96 -19.62 -29.29
C ASP A 291 -27.95 -18.48 -29.15
N SER A 292 -28.19 -17.59 -28.20
CA SER A 292 -27.36 -16.40 -28.01
C SER A 292 -26.07 -16.76 -27.27
N ASP A 293 -24.92 -16.28 -27.80
CA ASP A 293 -23.67 -16.36 -27.04
C ASP A 293 -23.83 -15.79 -25.64
N TYR A 294 -24.64 -14.75 -25.49
CA TYR A 294 -24.75 -14.02 -24.22
C TYR A 294 -25.62 -14.72 -23.19
N LEU A 295 -26.49 -15.64 -23.61
CA LEU A 295 -27.07 -16.57 -22.64
C LEU A 295 -25.98 -17.29 -21.86
N HIS A 296 -24.98 -17.80 -22.58
CA HIS A 296 -23.92 -18.57 -21.93
C HIS A 296 -22.92 -17.67 -21.20
N ILE A 297 -22.54 -16.55 -21.81
CA ILE A 297 -21.63 -15.62 -21.15
C ILE A 297 -22.23 -15.13 -19.85
N ALA A 298 -23.53 -14.77 -19.85
CA ALA A 298 -24.15 -14.30 -18.62
C ALA A 298 -24.11 -15.38 -17.56
N PHE A 299 -24.37 -16.63 -17.94
CA PHE A 299 -24.38 -17.73 -16.98
C PHE A 299 -22.97 -17.96 -16.41
N ASN A 300 -21.96 -18.06 -17.28
CA ASN A 300 -20.59 -18.21 -16.79
C ASN A 300 -20.20 -17.08 -15.84
N ASP A 301 -20.58 -15.84 -16.19
CA ASP A 301 -20.23 -14.70 -15.34
C ASP A 301 -20.92 -14.79 -13.99
N LEU A 302 -22.14 -15.32 -13.96
CA LEU A 302 -22.85 -15.50 -12.70
C LEU A 302 -22.16 -16.53 -11.83
N VAL A 303 -21.78 -17.67 -12.43
CA VAL A 303 -21.00 -18.69 -11.72
C VAL A 303 -19.72 -18.08 -11.15
N PHE A 304 -18.95 -17.37 -11.98
CA PHE A 304 -17.73 -16.76 -11.46
C PHE A 304 -18.03 -15.78 -10.33
N ALA A 305 -19.11 -15.00 -10.44
CA ALA A 305 -19.42 -14.04 -9.37
C ALA A 305 -19.77 -14.76 -8.08
N GLU A 306 -20.37 -15.94 -8.17
CA GLU A 306 -20.66 -16.72 -6.98
C GLU A 306 -19.39 -17.27 -6.33
N ASP A 307 -18.44 -17.77 -7.14
CA ASP A 307 -17.19 -18.26 -6.58
C ASP A 307 -16.33 -17.15 -5.98
N LYS A 308 -16.25 -16.00 -6.65
CA LYS A 308 -15.17 -15.04 -6.42
C LYS A 308 -14.97 -14.61 -4.97
N PRO A 309 -15.99 -14.14 -4.24
CA PRO A 309 -15.72 -13.66 -2.88
C PRO A 309 -15.21 -14.76 -1.95
N VAL A 310 -15.66 -15.99 -2.14
CA VAL A 310 -15.24 -17.05 -1.23
C VAL A 310 -13.80 -17.43 -1.52
N ILE A 311 -13.44 -17.58 -2.80
CA ILE A 311 -12.06 -17.95 -3.15
C ILE A 311 -11.09 -16.84 -2.74
N GLU A 312 -11.47 -15.59 -2.98
CA GLU A 312 -10.60 -14.49 -2.58
C GLU A 312 -10.47 -14.39 -1.07
N SER A 313 -11.42 -14.95 -0.30
CA SER A 313 -11.31 -14.90 1.15
C SER A 313 -10.32 -15.93 1.69
N GLN A 314 -9.98 -16.95 0.91
CA GLN A 314 -9.11 -18.00 1.43
C GLN A 314 -7.75 -17.44 1.85
N TRP A 315 -7.35 -17.76 3.09
CA TRP A 315 -6.09 -17.22 3.59
C TRP A 315 -5.39 -18.23 4.50
N PRO A 316 -4.05 -18.28 4.44
CA PRO A 316 -3.14 -17.57 3.53
C PRO A 316 -3.38 -17.90 2.06
N LYS A 317 -2.87 -17.07 1.16
CA LYS A 317 -3.16 -17.25 -0.26
C LYS A 317 -2.72 -18.63 -0.76
N ASP A 318 -1.54 -19.09 -0.33
CA ASP A 318 -1.05 -20.43 -0.63
C ASP A 318 -1.48 -21.40 0.46
N ALA A 319 -2.01 -22.55 0.06
CA ALA A 319 -2.54 -23.51 1.01
C ALA A 319 -1.46 -24.03 1.95
N PRO A 320 -1.58 -23.84 3.26
CA PRO A 320 -0.57 -24.38 4.18
C PRO A 320 -0.85 -25.84 4.51
N ALA A 321 0.12 -26.43 5.22
CA ALA A 321 0.02 -27.85 5.56
C ALA A 321 -1.08 -28.15 6.57
N ASP A 322 -1.63 -27.14 7.25
CA ASP A 322 -2.62 -27.41 8.28
C ASP A 322 -4.04 -27.56 7.74
N GLU A 323 -4.26 -27.44 6.43
CA GLU A 323 -5.61 -27.65 5.93
C GLU A 323 -6.02 -29.12 6.10
N VAL A 324 -7.29 -29.33 6.39
CA VAL A 324 -7.85 -30.64 6.76
C VAL A 324 -8.67 -31.15 5.57
N SER A 325 -8.19 -32.22 4.93
CA SER A 325 -8.92 -32.83 3.83
C SER A 325 -9.84 -33.95 4.31
N VAL A 326 -10.87 -34.22 3.51
CA VAL A 326 -11.76 -35.35 3.68
C VAL A 326 -11.72 -36.17 2.39
N VAL A 327 -12.33 -37.38 2.41
CA VAL A 327 -12.14 -38.28 1.28
C VAL A 327 -12.74 -37.70 0.00
N ALA A 328 -13.76 -36.87 0.13
CA ALA A 328 -14.34 -36.21 -1.05
C ALA A 328 -13.38 -35.26 -1.75
N ASP A 329 -12.26 -34.91 -1.13
CA ASP A 329 -11.27 -33.99 -1.69
C ASP A 329 -10.24 -34.67 -2.58
N LYS A 330 -10.53 -35.87 -3.10
CA LYS A 330 -9.52 -36.64 -3.84
C LYS A 330 -8.84 -35.81 -4.93
N VAL A 331 -9.63 -35.08 -5.74
CA VAL A 331 -9.04 -34.34 -6.85
C VAL A 331 -8.02 -33.33 -6.32
N SER A 332 -8.43 -32.54 -5.34
CA SER A 332 -7.53 -31.58 -4.70
C SER A 332 -6.29 -32.26 -4.10
N ILE A 333 -6.49 -33.36 -3.39
CA ILE A 333 -5.36 -34.07 -2.78
C ILE A 333 -4.37 -34.52 -3.85
N GLN A 334 -4.87 -35.12 -4.92
CA GLN A 334 -3.96 -35.65 -5.93
C GLN A 334 -3.27 -34.54 -6.71
N TYR A 335 -3.97 -33.43 -6.93
CA TYR A 335 -3.37 -32.25 -7.56
C TYR A 335 -2.22 -31.71 -6.72
N ARG A 336 -2.43 -31.52 -5.42
CA ARG A 336 -1.37 -31.00 -4.57
C ARG A 336 -0.18 -31.95 -4.55
N LYS A 337 -0.44 -33.25 -4.55
CA LYS A 337 0.64 -34.24 -4.55
C LYS A 337 1.49 -34.13 -5.81
N TRP A 338 0.85 -34.04 -6.97
CA TRP A 338 1.62 -33.93 -8.21
C TRP A 338 2.42 -32.64 -8.27
N LEU A 339 1.81 -31.50 -7.89
CA LEU A 339 2.56 -30.25 -7.84
C LEU A 339 3.79 -30.37 -6.95
N ARG A 340 3.64 -31.01 -5.79
CA ARG A 340 4.78 -31.21 -4.91
C ARG A 340 5.86 -32.02 -5.60
N GLU A 341 5.46 -33.08 -6.32
CA GLU A 341 6.44 -33.90 -7.04
C GLU A 341 7.15 -33.11 -8.11
N LEU A 342 6.40 -32.26 -8.83
CA LEU A 342 7.02 -31.45 -9.88
C LEU A 342 7.99 -30.46 -9.28
N LYS A 343 7.64 -29.84 -8.16
CA LYS A 343 8.54 -28.92 -7.50
C LYS A 343 9.82 -29.63 -7.03
N GLU A 344 9.68 -30.82 -6.48
CA GLU A 344 10.88 -31.52 -6.02
C GLU A 344 11.74 -31.99 -7.19
N ALA A 345 11.10 -32.50 -8.25
CA ALA A 345 11.85 -32.96 -9.42
C ALA A 345 12.58 -31.82 -10.11
N HIS A 346 11.97 -30.63 -10.15
CA HIS A 346 12.65 -29.48 -10.74
C HIS A 346 13.99 -29.23 -10.05
N LYS A 347 14.05 -29.44 -8.74
CA LYS A 347 15.32 -29.25 -8.03
C LYS A 347 16.35 -30.28 -8.44
N GLU A 348 15.91 -31.45 -8.91
CA GLU A 348 16.82 -32.48 -9.37
C GLU A 348 17.25 -32.33 -10.83
N GLY A 349 16.59 -31.47 -11.61
CA GLY A 349 17.05 -31.14 -12.94
C GLY A 349 16.12 -31.66 -14.03
N SER A 350 16.56 -31.42 -15.27
CA SER A 350 15.70 -31.54 -16.44
C SER A 350 15.12 -32.94 -16.61
N GLN A 351 15.95 -33.96 -16.45
CA GLN A 351 15.49 -35.33 -16.66
C GLN A 351 14.51 -35.76 -15.58
N ALA A 352 14.80 -35.42 -14.32
CA ALA A 352 13.87 -35.74 -13.23
C ALA A 352 12.53 -35.05 -13.44
N PHE A 353 12.57 -33.78 -13.86
CA PHE A 353 11.33 -33.04 -14.10
C PHE A 353 10.56 -33.65 -15.26
N ARG A 354 11.24 -34.02 -16.33
CA ARG A 354 10.53 -34.62 -17.47
C ARG A 354 9.81 -35.90 -17.05
N SER A 355 10.44 -36.72 -16.21
CA SER A 355 9.79 -37.96 -15.79
C SER A 355 8.60 -37.67 -14.88
N ALA A 356 8.77 -36.76 -13.92
CA ALA A 356 7.67 -36.44 -13.02
C ALA A 356 6.46 -35.92 -13.80
N LEU A 357 6.71 -35.12 -14.84
CA LEU A 357 5.61 -34.56 -15.62
C LEU A 357 4.99 -35.58 -16.56
N LEU A 358 5.80 -36.34 -17.31
CA LEU A 358 5.29 -37.08 -18.45
C LEU A 358 5.14 -38.59 -18.22
N ASP A 359 5.65 -39.13 -17.12
CA ASP A 359 5.43 -40.55 -16.84
C ASP A 359 3.95 -40.82 -16.59
N PRO A 360 3.39 -41.88 -17.17
CA PRO A 360 1.98 -42.19 -16.93
C PRO A 360 1.78 -42.86 -15.58
N VAL A 361 0.59 -42.63 -15.01
CA VAL A 361 0.15 -43.29 -13.78
C VAL A 361 -1.34 -43.53 -13.93
N ILE A 362 -1.73 -44.77 -14.25
CA ILE A 362 -3.11 -45.08 -14.63
C ILE A 362 -3.82 -45.72 -13.46
N GLU A 363 -4.99 -45.17 -13.10
CA GLU A 363 -5.87 -45.74 -12.10
C GLU A 363 -7.11 -46.39 -12.68
N SER A 364 -7.61 -45.90 -13.82
CA SER A 364 -8.86 -46.36 -14.37
C SER A 364 -8.62 -47.57 -15.27
N ASP A 365 -9.68 -48.06 -15.88
CA ASP A 365 -9.62 -49.16 -16.83
C ASP A 365 -9.51 -48.69 -18.28
N ARG A 366 -9.12 -47.43 -18.49
CA ARG A 366 -9.09 -46.85 -19.82
C ARG A 366 -7.76 -47.15 -20.50
N SER A 367 -7.82 -47.35 -21.82
CA SER A 367 -6.67 -47.87 -22.56
C SER A 367 -5.71 -46.74 -22.89
N TYR A 368 -4.59 -46.70 -22.17
CA TYR A 368 -3.38 -46.00 -22.57
C TYR A 368 -2.28 -46.32 -21.55
N ASN B 25 19.33 3.95 3.00
CA ASN B 25 19.68 5.36 3.23
C ASN B 25 21.18 5.57 2.98
N ASP B 26 21.89 4.45 2.77
CA ASP B 26 23.35 4.51 2.78
C ASP B 26 23.90 5.18 1.51
N GLU B 27 23.46 4.70 0.34
CA GLU B 27 23.95 5.26 -0.92
C GLU B 27 23.44 6.67 -1.18
N ARG B 28 22.42 7.13 -0.46
CA ARG B 28 21.86 8.45 -0.63
C ARG B 28 22.39 9.45 0.40
N GLU B 29 23.14 8.98 1.40
CA GLU B 29 23.51 9.85 2.52
C GLU B 29 24.26 11.09 2.06
N TYR B 30 25.07 10.97 1.00
CA TYR B 30 25.85 12.11 0.57
C TYR B 30 24.96 13.26 0.07
N LEU B 31 23.73 12.97 -0.35
CA LEU B 31 22.85 14.05 -0.83
C LEU B 31 22.40 14.99 0.28
N ARG B 32 22.48 14.56 1.54
CA ARG B 32 22.07 15.43 2.65
C ARG B 32 22.97 16.66 2.78
N HIS B 33 24.16 16.63 2.17
CA HIS B 33 25.08 17.75 2.29
C HIS B 33 24.78 18.91 1.35
N PHE B 34 23.83 18.76 0.42
CA PHE B 34 23.49 19.81 -0.52
C PHE B 34 22.23 20.56 -0.07
N TRP B 35 22.05 21.77 -0.60
CA TRP B 35 20.81 22.52 -0.44
C TRP B 35 19.80 22.01 -1.46
N HIS B 36 18.58 21.74 -1.00
CA HIS B 36 17.51 21.29 -1.87
C HIS B 36 16.28 22.18 -1.69
N PRO B 37 15.59 22.52 -2.76
CA PRO B 37 14.31 23.26 -2.61
C PRO B 37 13.26 22.32 -2.06
N VAL B 38 12.43 22.82 -1.15
CA VAL B 38 11.33 22.02 -0.63
C VAL B 38 9.96 22.59 -0.94
N CYS B 39 9.83 23.89 -1.19
CA CYS B 39 8.55 24.53 -1.52
C CYS B 39 8.82 25.91 -2.08
N THR B 40 7.80 26.48 -2.73
CA THR B 40 7.89 27.90 -3.08
C THR B 40 7.51 28.75 -1.86
N VAL B 41 7.96 30.00 -1.86
CA VAL B 41 7.49 30.93 -0.84
C VAL B 41 5.97 31.03 -0.87
N THR B 42 5.39 31.05 -2.08
CA THR B 42 3.94 31.04 -2.22
C THR B 42 3.29 29.89 -1.45
N GLU B 43 3.81 28.67 -1.62
CA GLU B 43 3.22 27.52 -0.92
C GLU B 43 3.29 27.68 0.59
N LEU B 44 4.40 28.23 1.09
CA LEU B 44 4.52 28.46 2.52
C LEU B 44 3.48 29.46 3.00
N GLU B 45 3.32 30.56 2.26
CA GLU B 45 2.38 31.61 2.67
C GLU B 45 0.93 31.16 2.54
N LYS B 46 0.64 30.23 1.62
CA LYS B 46 -0.73 29.74 1.44
C LYS B 46 -1.09 28.62 2.41
N ALA B 47 -0.10 28.01 3.07
CA ALA B 47 -0.37 26.81 3.86
C ALA B 47 -1.29 27.09 5.04
N HIS B 48 -1.15 28.24 5.67
CA HIS B 48 -1.87 28.58 6.90
C HIS B 48 -2.37 30.01 6.74
N PRO B 49 -3.55 30.35 7.27
CA PRO B 49 -4.08 31.69 7.01
C PRO B 49 -3.24 32.82 7.59
N SER B 50 -2.33 32.53 8.54
CA SER B 50 -1.44 33.57 9.04
C SER B 50 -0.43 34.05 8.00
N SER B 51 -0.21 33.27 6.94
CA SER B 51 0.84 33.43 5.94
C SER B 51 2.24 33.10 6.46
N LEU B 52 2.37 32.61 7.70
CA LEU B 52 3.68 32.34 8.29
C LEU B 52 4.02 30.84 8.33
N GLY B 53 3.17 30.01 7.75
CA GLY B 53 3.30 28.59 8.00
C GLY B 53 2.54 28.28 9.29
N PRO B 54 2.78 27.08 9.84
CA PRO B 54 3.74 26.08 9.39
C PRO B 54 3.30 25.28 8.16
N LEU B 55 4.27 24.71 7.46
CA LEU B 55 4.03 23.84 6.31
C LEU B 55 4.84 22.57 6.48
N ALA B 56 4.19 21.41 6.38
CA ALA B 56 4.94 20.16 6.35
C ALA B 56 5.58 19.94 4.98
N VAL B 57 6.86 19.54 4.98
CA VAL B 57 7.55 19.15 3.76
C VAL B 57 8.31 17.85 4.03
N LYS B 58 8.72 17.20 2.94
CA LYS B 58 9.48 15.97 3.03
C LYS B 58 10.69 16.04 2.11
N LEU B 59 11.87 15.73 2.64
CA LEU B 59 13.12 15.82 1.90
C LEU B 59 13.96 14.61 2.26
N LEU B 60 14.36 13.83 1.25
CA LEU B 60 15.18 12.63 1.47
C LEU B 60 14.56 11.77 2.56
N ASN B 61 13.24 11.64 2.50
CA ASN B 61 12.42 10.85 3.41
C ASN B 61 12.40 11.38 4.84
N GLU B 62 12.90 12.59 5.09
CA GLU B 62 12.79 13.22 6.40
C GLU B 62 11.52 14.05 6.44
N GLN B 63 10.75 13.93 7.52
CA GLN B 63 9.55 14.75 7.71
C GLN B 63 9.93 16.02 8.46
N LEU B 64 9.79 17.16 7.79
CA LEU B 64 10.22 18.46 8.28
C LEU B 64 9.04 19.42 8.33
N VAL B 65 9.21 20.49 9.12
CA VAL B 65 8.24 21.58 9.16
C VAL B 65 8.99 22.88 8.89
N VAL B 66 8.38 23.75 8.07
CA VAL B 66 8.93 25.06 7.71
C VAL B 66 8.01 26.14 8.25
N ALA B 67 8.58 27.21 8.80
CA ALA B 67 7.74 28.31 9.30
C ALA B 67 8.56 29.59 9.25
N LYS B 68 7.87 30.73 9.24
CA LYS B 68 8.55 32.03 9.30
C LYS B 68 8.40 32.57 10.71
N LEU B 69 9.51 32.62 11.45
CA LEU B 69 9.52 33.13 12.81
C LEU B 69 10.22 34.49 12.79
N GLY B 70 9.45 35.56 12.90
CA GLY B 70 10.05 36.89 12.74
C GLY B 70 10.54 37.05 11.32
N ASP B 71 11.80 37.44 11.17
CA ASP B 71 12.37 37.62 9.83
C ASP B 71 13.02 36.35 9.29
N GLU B 72 12.94 35.23 9.98
CA GLU B 72 13.75 34.06 9.66
C GLU B 72 12.85 32.90 9.20
N TYR B 73 13.22 32.28 8.09
CA TYR B 73 12.64 30.99 7.72
C TYR B 73 13.35 29.90 8.51
N VAL B 74 12.59 29.03 9.16
CA VAL B 74 13.15 27.96 9.97
C VAL B 74 12.64 26.63 9.46
N ALA B 75 13.45 25.59 9.64
CA ALA B 75 13.07 24.22 9.32
C ALA B 75 13.44 23.34 10.50
N MET B 76 12.49 22.53 10.98
CA MET B 76 12.74 21.61 12.08
C MET B 76 12.22 20.23 11.73
N ARG B 77 12.66 19.23 12.48
CA ARG B 77 11.99 17.95 12.35
C ARG B 77 10.53 18.09 12.77
N ASP B 78 9.62 17.48 12.01
CA ASP B 78 8.19 17.68 12.24
C ASP B 78 7.71 16.70 13.31
N ARG B 79 8.20 16.91 14.53
CA ARG B 79 7.98 15.96 15.63
C ARG B 79 8.35 16.60 16.96
N CYS B 80 7.34 16.85 17.79
CA CYS B 80 7.54 17.47 19.09
C CYS B 80 8.30 16.54 20.03
N ALA B 81 9.24 17.11 20.79
CA ALA B 81 10.02 16.31 21.75
C ALA B 81 9.18 15.70 22.86
N HIS B 82 8.02 16.28 23.16
CA HIS B 82 7.23 15.87 24.32
C HIS B 82 6.51 14.54 24.08
N ARG B 83 5.51 14.55 23.18
CA ARG B 83 4.74 13.35 22.90
C ARG B 83 4.64 13.12 21.39
N SER B 84 5.59 13.65 20.62
CA SER B 84 5.81 13.28 19.21
C SER B 84 4.69 13.75 18.26
N ALA B 85 3.87 14.73 18.65
CA ALA B 85 2.90 15.28 17.71
C ALA B 85 3.59 16.06 16.58
N LYS B 86 2.88 16.23 15.46
CA LYS B 86 3.47 16.98 14.34
C LYS B 86 3.35 18.47 14.60
N LEU B 87 4.51 19.16 14.64
CA LEU B 87 4.52 20.60 14.78
C LEU B 87 3.86 21.31 13.60
N SER B 88 3.82 20.66 12.44
CA SER B 88 3.17 21.21 11.26
C SER B 88 1.66 21.38 11.43
N LEU B 89 1.09 20.79 12.47
CA LEU B 89 -0.31 21.01 12.82
C LEU B 89 -0.47 22.16 13.82
N GLY B 90 0.62 22.84 14.14
CA GLY B 90 0.65 23.89 15.17
C GLY B 90 0.51 25.28 14.60
N THR B 91 1.03 26.26 15.33
CA THR B 91 0.79 27.68 15.05
C THR B 91 2.07 28.47 15.31
N VAL B 92 2.36 29.41 14.43
CA VAL B 92 3.41 30.41 14.71
C VAL B 92 2.83 31.46 15.66
N SER B 93 3.58 31.77 16.71
CA SER B 93 3.18 32.81 17.66
C SER B 93 4.41 33.69 17.86
N GLY B 94 4.48 34.79 17.11
CA GLY B 94 5.64 35.65 17.08
C GLY B 94 6.95 34.96 16.73
N ASN B 95 7.86 34.87 17.71
CA ASN B 95 9.16 34.25 17.47
C ASN B 95 9.19 32.80 17.93
N ARG B 96 8.04 32.11 17.90
CA ARG B 96 7.94 30.75 18.40
C ARG B 96 7.09 29.90 17.47
N LEU B 97 7.39 28.60 17.40
CA LEU B 97 6.51 27.62 16.78
C LEU B 97 5.87 26.81 17.91
N GLN B 98 4.54 26.80 17.96
CA GLN B 98 3.82 26.21 19.08
C GLN B 98 3.21 24.87 18.67
N CYS B 99 3.49 23.82 19.45
CA CYS B 99 2.93 22.50 19.19
C CYS B 99 1.43 22.51 19.45
N PRO B 100 0.63 21.82 18.62
CA PRO B 100 -0.81 21.83 18.82
C PRO B 100 -1.29 21.02 20.02
N TYR B 101 -0.49 20.12 20.57
CA TYR B 101 -1.01 19.18 21.55
C TYR B 101 -1.04 19.80 22.95
N HIS B 102 0.13 20.08 23.53
CA HIS B 102 0.17 20.71 24.85
C HIS B 102 0.86 22.07 24.82
N GLY B 103 1.04 22.66 23.63
CA GLY B 103 1.45 24.05 23.51
C GLY B 103 2.90 24.37 23.83
N TRP B 104 3.79 23.38 23.80
CA TRP B 104 5.21 23.70 23.92
C TRP B 104 5.62 24.64 22.81
N GLN B 105 6.46 25.63 23.13
CA GLN B 105 6.85 26.65 22.17
C GLN B 105 8.34 26.53 21.88
N TYR B 106 8.68 26.42 20.59
CA TYR B 106 10.06 26.23 20.15
C TYR B 106 10.59 27.52 19.54
N ASP B 107 11.84 27.87 19.85
CA ASP B 107 12.44 29.06 19.28
C ASP B 107 13.13 28.72 17.96
N THR B 108 13.78 29.70 17.33
CA THR B 108 14.37 29.46 16.02
C THR B 108 15.50 28.44 16.05
N HIS B 109 15.99 28.06 17.22
CA HIS B 109 17.07 27.10 17.30
C HIS B 109 16.56 25.71 17.61
N GLY B 110 15.23 25.53 17.59
CA GLY B 110 14.63 24.25 17.93
C GLY B 110 14.52 23.95 19.40
N ALA B 111 14.76 24.93 20.28
CA ALA B 111 14.77 24.68 21.71
C ALA B 111 13.44 25.10 22.30
N CYS B 112 12.89 24.24 23.16
CA CYS B 112 11.65 24.61 23.83
C CYS B 112 11.94 25.68 24.86
N GLN B 113 11.16 26.77 24.81
CA GLN B 113 11.31 27.86 25.77
C GLN B 113 10.06 28.09 26.61
N LEU B 114 9.02 27.29 26.43
CA LEU B 114 7.83 27.42 27.27
C LEU B 114 7.13 26.08 27.35
N VAL B 115 6.92 25.58 28.57
CA VAL B 115 6.09 24.40 28.81
C VAL B 115 4.86 24.91 29.57
N PRO B 116 3.73 25.14 28.91
CA PRO B 116 2.61 25.80 29.61
C PRO B 116 2.13 25.07 30.85
N ALA B 117 2.28 23.75 30.91
CA ALA B 117 1.76 23.01 32.07
C ALA B 117 2.60 23.22 33.32
N CYS B 118 3.87 23.61 33.17
CA CYS B 118 4.81 23.78 34.28
C CYS B 118 5.58 25.07 34.09
N PRO B 119 4.90 26.21 34.04
CA PRO B 119 5.57 27.45 33.62
C PRO B 119 6.67 27.90 34.56
N ASN B 120 6.75 27.33 35.76
CA ASN B 120 7.83 27.68 36.68
C ASN B 120 9.01 26.72 36.59
N SER B 121 8.74 25.41 36.50
CA SER B 121 9.76 24.37 36.53
C SER B 121 10.85 24.59 35.47
N PRO B 122 12.06 24.11 35.71
CA PRO B 122 13.08 24.18 34.65
C PRO B 122 12.67 23.30 33.47
N ILE B 123 12.94 23.79 32.27
CA ILE B 123 12.60 23.03 31.07
C ILE B 123 13.65 21.93 30.87
N PRO B 124 13.23 20.68 30.65
CA PRO B 124 14.20 19.59 30.47
C PRO B 124 15.25 19.90 29.42
N ASN B 125 16.48 19.42 29.64
CA ASN B 125 17.53 19.66 28.66
C ASN B 125 17.21 18.99 27.33
N LYS B 126 16.51 17.86 27.36
CA LYS B 126 16.17 17.11 26.16
C LYS B 126 14.99 17.73 25.39
N ALA B 127 14.38 18.80 25.91
CA ALA B 127 13.23 19.42 25.26
C ALA B 127 13.71 20.33 24.12
N LYS B 128 14.20 19.69 23.06
CA LYS B 128 14.69 20.34 21.86
C LYS B 128 14.41 19.43 20.68
N VAL B 129 14.17 20.02 19.50
CA VAL B 129 14.00 19.24 18.28
C VAL B 129 15.08 19.67 17.29
N ASP B 130 15.37 18.79 16.34
CA ASP B 130 16.45 19.06 15.40
C ASP B 130 16.09 20.24 14.51
N ARG B 131 17.06 21.15 14.33
CA ARG B 131 16.90 22.37 13.54
C ARG B 131 17.90 22.32 12.37
N PHE B 132 17.42 22.66 11.16
CA PHE B 132 18.19 22.53 9.94
C PHE B 132 18.31 23.87 9.23
N ASP B 133 19.43 24.03 8.50
CA ASP B 133 19.63 25.16 7.59
C ASP B 133 18.40 25.38 6.70
N CYS B 134 17.99 26.63 6.57
CA CYS B 134 16.78 26.94 5.80
C CYS B 134 16.86 28.38 5.34
N GLU B 135 16.79 28.60 4.03
CA GLU B 135 16.99 29.93 3.47
C GLU B 135 16.08 30.10 2.27
N GLU B 136 15.53 31.30 2.12
CA GLU B 136 14.83 31.66 0.89
C GLU B 136 15.82 32.16 -0.16
N ARG B 137 15.61 31.74 -1.42
CA ARG B 137 16.34 32.34 -2.51
C ARG B 137 15.57 32.10 -3.80
N TYR B 138 15.47 33.13 -4.64
CA TYR B 138 14.76 33.06 -5.92
C TYR B 138 13.27 32.77 -5.76
N GLY B 139 12.70 32.97 -4.58
CA GLY B 139 11.30 32.63 -4.38
C GLY B 139 11.04 31.20 -3.97
N LEU B 140 12.09 30.41 -3.73
CA LEU B 140 11.97 29.05 -3.21
C LEU B 140 12.54 29.00 -1.80
N ILE B 141 12.09 28.04 -1.00
CA ILE B 141 12.68 27.75 0.31
C ILE B 141 13.61 26.55 0.14
N TRP B 142 14.84 26.67 0.64
CA TRP B 142 15.90 25.68 0.48
C TRP B 142 16.28 25.15 1.85
N ILE B 143 16.50 23.84 1.96
CA ILE B 143 16.95 23.21 3.20
C ILE B 143 18.23 22.42 2.92
N ARG B 144 19.21 22.53 3.81
CA ARG B 144 20.38 21.66 3.81
C ARG B 144 20.38 20.84 5.10
N LEU B 145 20.25 19.52 4.98
CA LEU B 145 20.10 18.68 6.16
C LEU B 145 21.40 18.51 6.93
N ASP B 146 22.52 18.49 6.24
CA ASP B 146 23.81 18.28 6.90
C ASP B 146 24.75 19.39 6.46
N SER B 147 25.16 20.26 7.39
CA SER B 147 26.06 21.35 7.06
C SER B 147 27.50 21.09 7.47
N SER B 148 27.83 19.85 7.84
CA SER B 148 29.12 19.53 8.47
C SER B 148 30.31 19.73 7.54
N PHE B 149 30.14 19.57 6.23
CA PHE B 149 31.26 19.75 5.31
C PHE B 149 31.46 21.20 4.91
N ASP B 150 30.47 22.05 5.17
CA ASP B 150 30.54 23.49 4.96
C ASP B 150 31.15 23.86 3.61
N CYS B 151 30.67 23.23 2.54
CA CYS B 151 31.22 23.55 1.22
C CYS B 151 30.18 23.59 0.11
N THR B 152 28.89 23.55 0.42
CA THR B 152 27.86 23.56 -0.61
C THR B 152 27.07 24.86 -0.50
N GLU B 153 26.51 25.28 -1.63
CA GLU B 153 25.81 26.55 -1.73
C GLU B 153 24.50 26.32 -2.46
N ILE B 154 23.57 27.27 -2.28
CA ILE B 154 22.32 27.19 -3.04
C ILE B 154 22.64 27.33 -4.52
N PRO B 155 22.03 26.52 -5.40
CA PRO B 155 22.31 26.58 -6.83
C PRO B 155 22.21 27.95 -7.46
N TYR B 156 22.93 28.10 -8.56
CA TYR B 156 23.03 29.35 -9.30
C TYR B 156 21.87 29.48 -10.30
N PHE B 157 21.17 30.63 -10.23
CA PHE B 157 20.13 31.05 -11.17
C PHE B 157 20.61 32.35 -11.82
N SER B 158 20.90 32.31 -13.13
CA SER B 158 21.59 33.45 -13.77
C SER B 158 20.71 34.68 -13.88
N ALA B 159 19.39 34.51 -13.96
CA ALA B 159 18.52 35.64 -14.23
C ALA B 159 18.22 36.47 -12.98
N ALA B 160 18.54 35.96 -11.80
CA ALA B 160 18.23 36.69 -10.58
C ALA B 160 18.94 38.04 -10.62
N ASN B 161 18.22 39.08 -10.22
CA ASN B 161 18.70 40.46 -10.19
C ASN B 161 19.09 41.00 -11.59
N ASP B 162 18.69 40.34 -12.68
CA ASP B 162 18.89 40.95 -13.99
C ASP B 162 17.66 41.77 -14.34
N PRO B 163 17.72 43.11 -14.28
CA PRO B 163 16.51 43.91 -14.52
C PRO B 163 15.99 43.82 -15.93
N ARG B 164 16.78 43.32 -16.87
CA ARG B 164 16.28 43.14 -18.24
C ARG B 164 15.22 42.05 -18.34
N LEU B 165 15.09 41.18 -17.34
CA LEU B 165 14.35 39.93 -17.50
C LEU B 165 13.13 39.89 -16.58
N ARG B 166 11.99 39.43 -17.12
CA ARG B 166 10.80 39.15 -16.32
C ARG B 166 10.87 37.70 -15.85
N ILE B 167 10.66 37.47 -14.56
CA ILE B 167 10.79 36.15 -13.95
C ILE B 167 9.43 35.62 -13.55
N VAL B 168 9.16 34.35 -13.87
CA VAL B 168 7.92 33.65 -13.53
C VAL B 168 8.29 32.37 -12.80
N ILE B 169 7.72 32.16 -11.62
CA ILE B 169 7.90 30.94 -10.86
C ILE B 169 6.69 30.05 -11.09
N GLN B 170 6.90 28.89 -11.70
CA GLN B 170 5.73 28.02 -11.91
C GLN B 170 5.35 27.28 -10.63
N GLU B 171 4.12 26.75 -10.64
CA GLU B 171 3.72 25.84 -9.57
C GLU B 171 4.55 24.55 -9.64
N PRO B 172 4.93 23.97 -8.50
CA PRO B 172 5.72 22.74 -8.53
C PRO B 172 4.97 21.62 -9.23
N TYR B 173 5.73 20.70 -9.83
CA TYR B 173 5.14 19.52 -10.47
C TYR B 173 5.78 18.27 -9.89
N TRP B 174 4.94 17.29 -9.53
CA TRP B 174 5.38 16.06 -8.89
C TRP B 174 5.48 14.93 -9.90
N TRP B 175 6.61 14.22 -9.91
CA TRP B 175 6.77 13.03 -10.73
C TRP B 175 7.14 11.82 -9.88
N ASP B 176 6.68 10.65 -10.33
CA ASP B 176 7.09 9.36 -9.78
C ASP B 176 8.40 8.96 -10.46
N ALA B 177 9.43 9.76 -10.20
CA ALA B 177 10.75 9.47 -10.76
C ALA B 177 11.78 10.17 -9.89
N THR B 178 13.00 9.66 -9.91
CA THR B 178 14.04 10.20 -9.02
C THR B 178 14.65 11.48 -9.58
N ALA B 179 15.35 12.21 -8.72
CA ALA B 179 15.97 13.46 -9.15
C ALA B 179 17.08 13.21 -10.17
N GLU B 180 17.81 12.10 -10.03
CA GLU B 180 18.84 11.80 -11.02
C GLU B 180 18.23 11.56 -12.39
N ARG B 181 17.16 10.77 -12.46
CA ARG B 181 16.56 10.51 -13.76
C ARG B 181 15.92 11.75 -14.36
N ARG B 182 15.39 12.64 -13.50
CA ARG B 182 14.83 13.88 -14.00
C ARG B 182 15.93 14.78 -14.57
N TRP B 183 17.07 14.87 -13.89
CA TRP B 183 18.17 15.70 -14.39
C TRP B 183 18.63 15.22 -15.74
N GLU B 184 18.81 13.90 -15.89
CA GLU B 184 19.27 13.36 -17.15
C GLU B 184 18.25 13.58 -18.25
N ASN B 185 16.96 13.52 -17.92
CA ASN B 185 15.93 13.80 -18.92
C ASN B 185 16.01 15.25 -19.41
N PHE B 186 16.26 16.19 -18.50
CA PHE B 186 16.30 17.60 -18.87
C PHE B 186 17.48 17.95 -19.76
N THR B 187 18.64 17.29 -19.59
CA THR B 187 19.85 17.61 -20.34
C THR B 187 20.09 16.68 -21.53
N ASP B 188 19.11 15.85 -21.88
CA ASP B 188 19.25 14.86 -22.93
C ASP B 188 18.68 15.43 -24.22
N PHE B 189 19.45 15.42 -25.30
CA PHE B 189 18.91 15.94 -26.55
C PHE B 189 18.54 14.85 -27.52
N SER B 190 19.03 13.64 -27.31
CA SER B 190 18.69 12.58 -28.24
C SER B 190 17.20 12.19 -28.15
N HIS B 191 16.50 12.59 -27.08
CA HIS B 191 15.10 12.19 -26.96
C HIS B 191 14.13 13.16 -27.60
N PHE B 192 14.56 14.38 -27.95
CA PHE B 192 13.62 15.38 -28.47
C PHE B 192 12.83 14.88 -29.68
N ALA B 193 13.49 14.22 -30.62
CA ALA B 193 12.77 13.79 -31.81
C ALA B 193 11.71 12.73 -31.53
N PHE B 194 11.82 12.01 -30.41
CA PHE B 194 10.88 10.93 -30.13
C PHE B 194 9.82 11.32 -29.10
N ILE B 195 10.16 12.18 -28.16
CA ILE B 195 9.23 12.58 -27.10
C ILE B 195 8.65 13.95 -27.39
N HIS B 196 9.44 14.83 -28.03
CA HIS B 196 8.97 16.20 -28.29
C HIS B 196 8.95 16.54 -29.78
N PRO B 197 8.43 15.68 -30.67
CA PRO B 197 8.58 15.96 -32.10
C PRO B 197 7.80 17.18 -32.58
N GLY B 198 6.63 17.46 -32.01
CA GLY B 198 5.92 18.66 -32.41
C GLY B 198 6.50 19.92 -31.81
N THR B 199 7.13 19.79 -30.65
CA THR B 199 7.25 20.92 -29.73
C THR B 199 8.68 21.44 -29.58
N LEU B 200 9.69 20.58 -29.53
CA LEU B 200 11.04 21.07 -29.30
C LEU B 200 12.01 20.77 -30.44
N PHE B 201 11.89 19.63 -31.11
CA PHE B 201 12.82 19.29 -32.18
C PHE B 201 12.07 18.71 -33.36
N ASP B 202 12.61 18.93 -34.57
CA ASP B 202 12.22 18.11 -35.70
C ASP B 202 12.39 16.63 -35.34
N PRO B 203 11.48 15.75 -35.77
CA PRO B 203 11.73 14.31 -35.63
C PRO B 203 12.92 13.82 -36.44
N ASN B 204 13.48 14.62 -37.36
CA ASN B 204 14.54 14.14 -38.22
C ASN B 204 15.95 14.35 -37.66
N ASN B 205 16.15 15.28 -36.72
CA ASN B 205 17.48 15.47 -36.13
C ASN B 205 17.54 14.74 -34.79
N ALA B 206 17.75 13.42 -34.89
CA ALA B 206 17.98 12.59 -33.73
C ALA B 206 19.45 12.53 -33.31
N GLU B 207 20.37 13.06 -34.15
CA GLU B 207 21.80 12.91 -33.92
C GLU B 207 22.36 14.16 -33.25
N PRO B 208 22.70 14.10 -31.97
CA PRO B 208 23.20 15.29 -31.27
C PRO B 208 24.71 15.38 -31.34
N PRO B 209 25.27 16.57 -31.16
CA PRO B 209 26.73 16.69 -31.12
C PRO B 209 27.28 16.33 -29.74
N ILE B 210 28.53 15.89 -29.73
CA ILE B 210 29.26 15.63 -28.50
C ILE B 210 29.97 16.92 -28.11
N VAL B 211 29.66 17.48 -26.94
CA VAL B 211 30.25 18.78 -26.60
C VAL B 211 31.22 18.70 -25.43
N PRO B 212 32.20 19.59 -25.36
CA PRO B 212 33.06 19.64 -24.17
C PRO B 212 32.26 20.01 -22.93
N MET B 213 32.64 19.42 -21.80
CA MET B 213 32.00 19.68 -20.51
C MET B 213 33.05 20.07 -19.48
N ASP B 214 32.82 21.17 -18.78
CA ASP B 214 33.72 21.69 -17.76
C ASP B 214 33.10 21.54 -16.37
N ARG B 215 33.92 21.15 -15.39
CA ARG B 215 33.56 21.26 -13.98
C ARG B 215 34.20 22.51 -13.41
N PHE B 216 33.40 23.35 -12.77
CA PHE B 216 33.93 24.60 -12.22
C PHE B 216 33.03 25.05 -11.08
N ASN B 217 33.62 25.26 -9.90
CA ASN B 217 32.87 25.74 -8.74
C ASN B 217 31.65 24.86 -8.46
N GLY B 218 31.81 23.56 -8.63
CA GLY B 218 30.73 22.64 -8.33
C GLY B 218 29.60 22.64 -9.33
N GLN B 219 29.85 23.13 -10.53
CA GLN B 219 28.87 23.18 -11.62
C GLN B 219 29.42 22.46 -12.83
N PHE B 220 28.53 21.79 -13.57
CA PHE B 220 28.83 21.37 -14.94
C PHE B 220 28.47 22.52 -15.86
N ARG B 221 29.39 22.89 -16.76
CA ARG B 221 29.13 23.93 -17.74
C ARG B 221 29.39 23.36 -19.12
N PHE B 222 28.46 23.59 -20.04
CA PHE B 222 28.64 23.13 -21.41
C PHE B 222 27.69 23.91 -22.29
N VAL B 223 28.05 24.01 -23.58
CA VAL B 223 27.32 24.87 -24.50
C VAL B 223 26.93 24.06 -25.73
N TYR B 224 25.73 24.33 -26.24
CA TYR B 224 25.22 23.66 -27.44
C TYR B 224 24.70 24.71 -28.42
N ASP B 225 24.68 24.33 -29.69
CA ASP B 225 23.99 25.08 -30.73
C ASP B 225 22.98 24.12 -31.34
N THR B 226 21.72 24.27 -30.93
CA THR B 226 20.66 23.42 -31.46
C THR B 226 20.44 23.71 -32.94
N PRO B 227 19.79 22.79 -33.67
CA PRO B 227 19.59 23.02 -35.11
C PRO B 227 18.61 24.15 -35.37
N GLU B 228 18.85 24.85 -36.49
CA GLU B 228 18.09 26.02 -36.88
C GLU B 228 17.01 25.64 -37.89
N ASP B 229 15.99 26.50 -37.98
CA ASP B 229 14.91 26.37 -38.97
C ASP B 229 14.08 25.10 -38.74
N MET B 230 13.89 24.73 -37.47
CA MET B 230 13.05 23.58 -37.14
C MET B 230 11.60 24.02 -37.02
N ALA B 231 10.69 23.07 -37.34
CA ALA B 231 9.25 23.32 -37.31
C ALA B 231 8.73 23.27 -35.87
N VAL B 232 9.09 24.29 -35.10
CA VAL B 232 8.73 24.35 -33.69
C VAL B 232 8.06 25.70 -33.39
N PRO B 233 7.18 25.77 -32.39
CA PRO B 233 6.47 27.03 -32.12
C PRO B 233 7.43 28.15 -31.76
N ASN B 234 6.95 29.39 -31.92
CA ASN B 234 7.81 30.56 -31.70
C ASN B 234 8.17 30.73 -30.22
N GLN B 235 7.29 30.29 -29.31
CA GLN B 235 7.59 30.35 -27.88
C GLN B 235 8.50 29.22 -27.40
N ALA B 236 8.83 28.27 -28.26
CA ALA B 236 9.79 27.22 -27.92
C ALA B 236 11.18 27.81 -27.69
N PRO B 237 11.76 27.65 -26.48
CA PRO B 237 13.14 28.14 -26.27
C PRO B 237 14.17 27.33 -27.05
N ILE B 238 14.33 27.63 -28.34
CA ILE B 238 15.30 26.97 -29.20
C ILE B 238 16.29 28.01 -29.71
N GLY B 239 17.59 27.71 -29.57
CA GLY B 239 18.65 28.61 -29.96
C GLY B 239 20.03 28.11 -29.51
N SER B 240 20.91 29.02 -29.11
CA SER B 240 22.20 28.66 -28.52
C SER B 240 22.00 28.40 -27.03
N PHE B 241 22.40 27.20 -26.58
CA PHE B 241 22.10 26.68 -25.24
C PHE B 241 23.35 26.70 -24.36
N SER B 242 23.32 27.49 -23.29
CA SER B 242 24.44 27.55 -22.34
C SER B 242 23.97 27.01 -20.99
N TYR B 243 24.48 25.84 -20.59
CA TYR B 243 24.09 25.19 -19.34
C TYR B 243 25.09 25.53 -18.22
N THR B 244 24.56 25.87 -17.05
CA THR B 244 25.32 25.92 -15.81
C THR B 244 24.55 25.07 -14.81
N CYS B 245 25.06 23.89 -14.50
CA CYS B 245 24.32 22.91 -13.71
C CYS B 245 24.98 22.78 -12.34
N SER B 246 24.36 23.38 -11.31
CA SER B 246 24.85 23.23 -9.94
C SER B 246 24.57 21.83 -9.44
N MET B 247 25.62 21.06 -9.17
CA MET B 247 25.46 19.67 -8.74
C MET B 247 24.75 19.65 -7.37
N PRO B 248 23.86 18.68 -7.15
CA PRO B 248 23.58 17.57 -8.07
C PRO B 248 22.33 17.71 -8.95
N PHE B 249 21.39 18.61 -8.66
CA PHE B 249 20.08 18.50 -9.29
C PHE B 249 19.53 19.75 -9.96
N ALA B 250 20.26 20.86 -10.01
CA ALA B 250 19.74 22.10 -10.57
C ALA B 250 20.36 22.36 -11.93
N ILE B 251 19.55 22.83 -12.87
CA ILE B 251 20.01 23.16 -14.21
C ILE B 251 19.60 24.60 -14.51
N ASN B 252 20.58 25.44 -14.89
CA ASN B 252 20.33 26.79 -15.37
C ASN B 252 20.65 26.78 -16.85
N LEU B 253 19.63 26.99 -17.70
CA LEU B 253 19.78 26.95 -19.15
C LEU B 253 19.48 28.32 -19.72
N GLU B 254 20.49 28.96 -20.31
CA GLU B 254 20.35 30.25 -20.96
C GLU B 254 20.26 30.01 -22.45
N VAL B 255 19.17 30.43 -23.05
CA VAL B 255 18.91 30.22 -24.47
C VAL B 255 18.98 31.58 -25.15
N SER B 256 19.92 31.73 -26.08
CA SER B 256 19.87 32.83 -27.03
C SER B 256 19.05 32.32 -28.21
N LYS B 257 17.78 32.70 -28.24
CA LYS B 257 16.83 32.10 -29.18
C LYS B 257 17.13 32.50 -30.61
N TYR B 258 16.93 31.56 -31.53
CA TYR B 258 17.04 31.85 -32.96
C TYR B 258 15.86 32.67 -33.45
N SER B 259 14.64 32.32 -33.01
CA SER B 259 13.44 32.90 -33.59
C SER B 259 13.27 34.38 -33.23
N SER B 260 13.68 34.79 -32.03
CA SER B 260 13.45 36.14 -31.58
C SER B 260 14.71 36.94 -31.28
N SER B 261 15.89 36.30 -31.24
CA SER B 261 17.15 36.99 -30.92
C SER B 261 17.12 37.63 -29.54
N SER B 262 16.60 36.88 -28.55
CA SER B 262 16.42 37.41 -27.20
C SER B 262 16.68 36.30 -26.17
N LEU B 263 16.97 36.73 -24.94
CA LEU B 263 17.41 35.79 -23.91
C LEU B 263 16.21 35.15 -23.22
N HIS B 264 16.25 33.83 -23.05
CA HIS B 264 15.24 33.09 -22.31
C HIS B 264 16.00 32.15 -21.38
N VAL B 265 15.67 32.15 -20.10
CA VAL B 265 16.40 31.33 -19.13
C VAL B 265 15.43 30.33 -18.49
N LEU B 266 15.86 29.08 -18.37
CA LEU B 266 15.11 28.04 -17.68
C LEU B 266 15.92 27.59 -16.48
N PHE B 267 15.32 27.62 -15.31
CA PHE B 267 15.98 27.14 -14.10
C PHE B 267 15.12 26.00 -13.55
N ASN B 268 15.62 24.77 -13.63
CA ASN B 268 14.85 23.60 -13.21
C ASN B 268 15.60 22.87 -12.09
N VAL B 269 14.91 22.55 -11.01
CA VAL B 269 15.58 21.87 -9.91
C VAL B 269 14.61 20.88 -9.30
N SER B 270 15.12 19.71 -8.91
CA SER B 270 14.30 18.64 -8.36
C SER B 270 14.55 18.50 -6.87
N CYS B 271 13.48 18.41 -6.10
CA CYS B 271 13.58 18.03 -4.70
C CYS B 271 13.48 16.53 -4.58
N PRO B 272 14.50 15.84 -4.06
CA PRO B 272 14.40 14.40 -3.88
C PRO B 272 13.55 14.10 -2.65
N VAL B 273 12.24 13.92 -2.85
CA VAL B 273 11.32 13.80 -1.71
C VAL B 273 11.55 12.48 -0.98
N ASP B 274 11.62 11.40 -1.73
CA ASP B 274 11.94 10.09 -1.14
C ASP B 274 12.63 9.28 -2.23
N SER B 275 12.64 7.95 -2.08
CA SER B 275 13.41 7.13 -3.01
C SER B 275 12.77 7.00 -4.39
N HIS B 276 11.52 7.43 -4.59
CA HIS B 276 10.87 7.24 -5.88
C HIS B 276 10.09 8.46 -6.34
N THR B 277 10.21 9.60 -5.68
CA THR B 277 9.36 10.75 -5.97
C THR B 277 10.23 12.00 -6.06
N THR B 278 9.87 12.91 -6.97
CA THR B 278 10.46 14.24 -6.98
C THR B 278 9.37 15.30 -6.96
N LYS B 279 9.64 16.39 -6.26
CA LYS B 279 8.88 17.62 -6.36
C LYS B 279 9.75 18.59 -7.13
N ASN B 280 9.29 19.00 -8.31
CA ASN B 280 10.16 19.68 -9.26
C ASN B 280 9.73 21.13 -9.41
N PHE B 281 10.71 22.00 -9.61
CA PHE B 281 10.48 23.43 -9.67
C PHE B 281 11.02 23.96 -10.99
N LEU B 282 10.24 24.79 -11.67
CA LEU B 282 10.71 25.51 -12.86
C LEU B 282 10.52 26.99 -12.64
N ILE B 283 11.59 27.76 -12.81
CA ILE B 283 11.54 29.21 -12.87
C ILE B 283 12.06 29.60 -14.25
N PHE B 284 11.34 30.48 -14.94
CA PHE B 284 11.87 30.94 -16.23
C PHE B 284 11.85 32.46 -16.30
N ALA B 285 12.80 32.98 -17.05
CA ALA B 285 12.96 34.41 -17.19
C ALA B 285 13.09 34.73 -18.68
N ARG B 286 12.61 35.90 -19.07
CA ARG B 286 12.68 36.25 -20.48
C ARG B 286 12.90 37.75 -20.66
N GLU B 287 13.66 38.07 -21.70
CA GLU B 287 14.01 39.44 -22.04
C GLU B 287 12.88 40.14 -22.78
N GLN B 288 12.25 39.46 -23.73
CA GLN B 288 11.06 39.97 -24.42
C GLN B 288 9.85 39.52 -23.60
N SER B 289 9.28 40.47 -22.84
CA SER B 289 8.27 40.15 -21.83
C SER B 289 6.95 40.87 -22.06
N ASP B 290 6.71 41.43 -23.24
CA ASP B 290 5.43 42.06 -23.51
C ASP B 290 4.31 41.05 -23.77
N ASP B 291 4.64 39.78 -23.91
CA ASP B 291 3.68 38.73 -24.22
C ASP B 291 3.12 38.14 -22.93
N SER B 292 2.29 37.11 -23.05
CA SER B 292 1.62 36.54 -21.89
C SER B 292 2.53 35.54 -21.18
N ASP B 293 2.59 35.63 -19.85
CA ASP B 293 3.26 34.57 -19.08
C ASP B 293 2.71 33.19 -19.43
N TYR B 294 1.41 33.11 -19.75
CA TYR B 294 0.76 31.82 -19.92
C TYR B 294 1.03 31.19 -21.28
N LEU B 295 1.47 31.98 -22.27
CA LEU B 295 2.03 31.39 -23.49
C LEU B 295 3.18 30.44 -23.14
N HIS B 296 4.08 30.93 -22.28
CA HIS B 296 5.24 30.14 -21.88
C HIS B 296 4.88 29.05 -20.89
N ILE B 297 4.03 29.34 -19.91
CA ILE B 297 3.65 28.32 -18.94
C ILE B 297 2.99 27.13 -19.64
N ALA B 298 2.07 27.41 -20.58
CA ALA B 298 1.38 26.33 -21.26
C ALA B 298 2.37 25.49 -22.08
N PHE B 299 3.36 26.15 -22.68
CA PHE B 299 4.36 25.43 -23.45
C PHE B 299 5.23 24.55 -22.56
N ASN B 300 5.75 25.12 -21.46
CA ASN B 300 6.52 24.30 -20.51
C ASN B 300 5.71 23.11 -20.02
N ASP B 301 4.42 23.33 -19.71
CA ASP B 301 3.58 22.23 -19.21
C ASP B 301 3.39 21.16 -20.27
N LEU B 302 3.28 21.57 -21.54
CA LEU B 302 3.15 20.58 -22.61
C LEU B 302 4.41 19.73 -22.71
N VAL B 303 5.57 20.37 -22.66
CA VAL B 303 6.83 19.64 -22.69
C VAL B 303 6.89 18.64 -21.54
N PHE B 304 6.56 19.11 -20.33
CA PHE B 304 6.61 18.21 -19.17
C PHE B 304 5.63 17.06 -19.30
N ALA B 305 4.43 17.32 -19.83
CA ALA B 305 3.47 16.24 -20.02
C ALA B 305 3.96 15.21 -21.03
N GLU B 306 4.74 15.65 -22.02
CA GLU B 306 5.32 14.73 -22.99
C GLU B 306 6.39 13.85 -22.33
N ASP B 307 7.23 14.44 -21.48
CA ASP B 307 8.27 13.66 -20.80
C ASP B 307 7.69 12.70 -19.75
N LYS B 308 6.68 13.14 -19.01
CA LYS B 308 6.30 12.49 -17.75
C LYS B 308 6.04 10.98 -17.85
N PRO B 309 5.20 10.49 -18.75
CA PRO B 309 4.95 9.04 -18.72
C PRO B 309 6.18 8.20 -19.01
N VAL B 310 7.07 8.65 -19.89
CA VAL B 310 8.23 7.83 -20.21
C VAL B 310 9.22 7.82 -19.05
N ILE B 311 9.47 8.97 -18.42
CA ILE B 311 10.40 9.00 -17.28
C ILE B 311 9.84 8.22 -16.10
N GLU B 312 8.54 8.36 -15.82
CA GLU B 312 7.95 7.57 -14.74
C GLU B 312 7.97 6.07 -15.03
N SER B 313 8.08 5.66 -16.31
CA SER B 313 8.14 4.23 -16.60
C SER B 313 9.50 3.62 -16.33
N GLN B 314 10.57 4.42 -16.27
CA GLN B 314 11.91 3.86 -16.14
C GLN B 314 12.04 3.05 -14.85
N TRP B 315 12.54 1.82 -14.96
CA TRP B 315 12.63 0.96 -13.77
C TRP B 315 13.82 0.01 -13.86
N PRO B 316 14.46 -0.29 -12.70
CA PRO B 316 14.18 0.29 -11.37
C PRO B 316 14.42 1.81 -11.31
N LYS B 317 13.89 2.46 -10.28
CA LYS B 317 13.91 3.92 -10.22
C LYS B 317 15.33 4.47 -10.29
N ASP B 318 16.27 3.81 -9.62
CA ASP B 318 17.69 4.18 -9.66
C ASP B 318 18.39 3.39 -10.77
N ALA B 319 19.20 4.08 -11.57
CA ALA B 319 19.78 3.45 -12.77
C ALA B 319 20.73 2.32 -12.34
N PRO B 320 20.51 1.09 -12.78
CA PRO B 320 21.44 0.02 -12.43
C PRO B 320 22.73 0.10 -13.24
N ALA B 321 23.73 -0.64 -12.76
CA ALA B 321 24.99 -0.80 -13.46
C ALA B 321 24.82 -1.38 -14.85
N ASP B 322 23.69 -2.02 -15.16
CA ASP B 322 23.55 -2.74 -16.42
C ASP B 322 23.05 -1.86 -17.58
N GLU B 323 22.78 -0.57 -17.36
CA GLU B 323 22.32 0.26 -18.48
C GLU B 323 23.42 0.44 -19.51
N VAL B 324 23.03 0.44 -20.77
CA VAL B 324 23.97 0.43 -21.90
C VAL B 324 24.02 1.82 -22.52
N SER B 325 25.19 2.48 -22.47
CA SER B 325 25.30 3.83 -23.02
C SER B 325 25.89 3.81 -24.42
N VAL B 326 25.60 4.88 -25.17
CA VAL B 326 26.22 5.12 -26.47
C VAL B 326 26.94 6.46 -26.40
N VAL B 327 27.69 6.79 -27.46
CA VAL B 327 28.53 7.98 -27.38
C VAL B 327 27.70 9.25 -27.24
N ALA B 328 26.47 9.26 -27.75
CA ALA B 328 25.62 10.45 -27.62
C ALA B 328 25.19 10.71 -26.18
N ASP B 329 25.40 9.76 -25.29
CA ASP B 329 25.06 9.92 -23.88
C ASP B 329 26.12 10.66 -23.08
N LYS B 330 27.04 11.39 -23.72
CA LYS B 330 28.15 11.98 -22.99
C LYS B 330 27.71 12.72 -21.73
N VAL B 331 26.69 13.57 -21.83
CA VAL B 331 26.27 14.36 -20.66
C VAL B 331 25.89 13.44 -19.49
N SER B 332 25.04 12.45 -19.72
CA SER B 332 24.64 11.64 -18.56
C SER B 332 25.76 10.71 -18.10
N ILE B 333 26.62 10.26 -19.02
CA ILE B 333 27.80 9.49 -18.60
C ILE B 333 28.66 10.31 -17.65
N GLN B 334 28.91 11.56 -18.00
CA GLN B 334 29.77 12.40 -17.18
C GLN B 334 29.09 12.77 -15.87
N TYR B 335 27.77 12.97 -15.92
CA TYR B 335 26.97 13.21 -14.72
C TYR B 335 27.07 12.05 -13.76
N ARG B 336 26.86 10.82 -14.24
CA ARG B 336 26.90 9.65 -13.36
C ARG B 336 28.29 9.48 -12.76
N LYS B 337 29.32 9.77 -13.55
CA LYS B 337 30.70 9.65 -13.07
C LYS B 337 30.96 10.62 -11.93
N TRP B 338 30.55 11.88 -12.08
CA TRP B 338 30.75 12.85 -11.00
C TRP B 338 29.96 12.47 -9.76
N LEU B 339 28.70 12.04 -9.94
CA LEU B 339 27.93 11.61 -8.76
C LEU B 339 28.64 10.48 -8.03
N ARG B 340 29.18 9.51 -8.76
CA ARG B 340 29.88 8.41 -8.09
C ARG B 340 31.10 8.93 -7.34
N GLU B 341 31.84 9.85 -7.96
CA GLU B 341 32.98 10.48 -7.28
C GLU B 341 32.57 11.17 -5.99
N LEU B 342 31.43 11.87 -6.01
CA LEU B 342 30.98 12.58 -4.81
C LEU B 342 30.56 11.59 -3.73
N LYS B 343 29.92 10.49 -4.14
CA LYS B 343 29.52 9.49 -3.17
C LYS B 343 30.76 8.84 -2.54
N GLU B 344 31.76 8.53 -3.36
CA GLU B 344 33.00 7.97 -2.84
C GLU B 344 33.73 8.94 -1.91
N ALA B 345 33.79 10.22 -2.30
CA ALA B 345 34.51 11.21 -1.51
C ALA B 345 33.83 11.46 -0.19
N HIS B 346 32.49 11.41 -0.18
CA HIS B 346 31.74 11.55 1.06
C HIS B 346 32.21 10.53 2.11
N LYS B 347 32.45 9.29 1.70
CA LYS B 347 32.92 8.28 2.65
C LYS B 347 34.26 8.67 3.25
N GLU B 348 35.09 9.37 2.47
CA GLU B 348 36.43 9.75 2.90
C GLU B 348 36.45 11.00 3.76
N GLY B 349 35.39 11.78 3.75
CA GLY B 349 35.26 12.87 4.69
C GLY B 349 35.27 14.24 4.01
N SER B 350 35.34 15.25 4.88
CA SER B 350 35.06 16.63 4.49
C SER B 350 36.00 17.12 3.41
N GLN B 351 37.31 16.92 3.58
CA GLN B 351 38.24 17.52 2.62
C GLN B 351 38.16 16.81 1.26
N ALA B 352 38.01 15.49 1.25
CA ALA B 352 37.89 14.76 0.00
C ALA B 352 36.64 15.20 -0.76
N PHE B 353 35.54 15.41 -0.04
CA PHE B 353 34.30 15.83 -0.69
C PHE B 353 34.42 17.24 -1.25
N ARG B 354 35.01 18.17 -0.48
CA ARG B 354 35.22 19.51 -1.00
C ARG B 354 36.04 19.48 -2.29
N SER B 355 37.08 18.65 -2.33
CA SER B 355 37.92 18.55 -3.52
C SER B 355 37.14 17.97 -4.70
N ALA B 356 36.39 16.89 -4.46
CA ALA B 356 35.62 16.27 -5.54
C ALA B 356 34.61 17.25 -6.10
N LEU B 357 34.02 18.09 -5.24
CA LEU B 357 32.96 18.98 -5.67
C LEU B 357 33.51 20.23 -6.35
N LEU B 358 34.57 20.83 -5.79
CA LEU B 358 34.95 22.17 -6.20
C LEU B 358 36.22 22.25 -7.05
N ASP B 359 36.98 21.17 -7.17
CA ASP B 359 38.15 21.22 -8.04
C ASP B 359 37.72 21.42 -9.49
N PRO B 360 38.44 22.23 -10.25
CA PRO B 360 38.08 22.44 -11.66
C PRO B 360 38.60 21.31 -12.54
N VAL B 361 37.81 21.01 -13.58
CA VAL B 361 38.21 20.03 -14.59
C VAL B 361 37.73 20.58 -15.93
N ILE B 362 38.64 21.14 -16.72
CA ILE B 362 38.28 21.93 -17.90
C ILE B 362 38.57 21.11 -19.15
N GLU B 363 37.55 20.93 -19.99
CA GLU B 363 37.68 20.34 -21.32
C GLU B 363 37.67 21.37 -22.45
N SER B 364 36.93 22.47 -22.29
CA SER B 364 36.76 23.43 -23.36
C SER B 364 37.94 24.41 -23.38
N ASP B 365 37.87 25.40 -24.27
CA ASP B 365 38.89 26.43 -24.36
C ASP B 365 38.49 27.74 -23.69
N ARG B 366 37.45 27.73 -22.85
CA ARG B 366 37.05 28.95 -22.18
C ARG B 366 37.85 29.13 -20.89
N SER B 367 37.85 30.37 -20.40
CA SER B 367 38.51 30.73 -19.15
C SER B 367 37.46 31.19 -18.15
N TYR B 368 37.62 30.78 -16.89
CA TYR B 368 36.62 31.08 -15.86
C TYR B 368 37.18 31.96 -14.74
N ASN C 25 5.03 -8.40 17.70
CA ASN C 25 3.88 -8.97 18.41
C ASN C 25 4.35 -9.77 19.62
N ASP C 26 5.66 -10.00 19.69
CA ASP C 26 6.23 -10.56 20.90
C ASP C 26 6.01 -9.63 22.09
N GLU C 27 6.03 -8.32 21.85
CA GLU C 27 5.87 -7.35 22.91
C GLU C 27 4.41 -7.01 23.19
N ARG C 28 3.50 -7.54 22.38
CA ARG C 28 2.07 -7.38 22.61
C ARG C 28 1.42 -8.63 23.16
N GLU C 29 2.20 -9.70 23.37
CA GLU C 29 1.59 -10.97 23.73
C GLU C 29 0.87 -10.87 25.08
N TYR C 30 1.37 -10.06 26.01
CA TYR C 30 0.69 -9.96 27.31
C TYR C 30 -0.73 -9.42 27.16
N LEU C 31 -1.00 -8.65 26.11
CA LEU C 31 -2.33 -8.08 25.96
C LEU C 31 -3.36 -9.14 25.64
N ARG C 32 -2.95 -10.31 25.13
CA ARG C 32 -3.89 -11.37 24.82
C ARG C 32 -4.61 -11.89 26.07
N HIS C 33 -4.06 -11.64 27.25
CA HIS C 33 -4.66 -12.14 28.49
C HIS C 33 -5.81 -11.28 29.00
N PHE C 34 -6.05 -10.09 28.43
CA PHE C 34 -7.11 -9.21 28.87
C PHE C 34 -8.36 -9.38 28.00
N TRP C 35 -9.49 -8.93 28.55
CA TRP C 35 -10.72 -8.83 27.77
C TRP C 35 -10.72 -7.52 26.98
N HIS C 36 -10.99 -7.61 25.66
CA HIS C 36 -11.02 -6.42 24.80
C HIS C 36 -12.37 -6.35 24.10
N PRO C 37 -12.97 -5.16 23.96
CA PRO C 37 -14.21 -5.07 23.20
C PRO C 37 -13.91 -5.11 21.70
N VAL C 38 -14.75 -5.82 20.93
CA VAL C 38 -14.51 -5.89 19.49
C VAL C 38 -15.65 -5.32 18.67
N CYS C 39 -16.86 -5.22 19.22
CA CYS C 39 -17.98 -4.60 18.52
C CYS C 39 -19.07 -4.30 19.55
N THR C 40 -20.02 -3.49 19.12
CA THR C 40 -21.25 -3.38 19.91
C THR C 40 -22.19 -4.52 19.54
N VAL C 41 -23.12 -4.81 20.44
CA VAL C 41 -24.17 -5.77 20.11
C VAL C 41 -24.94 -5.31 18.87
N THR C 42 -25.22 -4.01 18.79
CA THR C 42 -25.89 -3.46 17.60
C THR C 42 -25.13 -3.77 16.31
N GLU C 43 -23.80 -3.59 16.32
CA GLU C 43 -23.02 -3.94 15.12
C GLU C 43 -23.19 -5.40 14.75
N LEU C 44 -23.16 -6.29 15.74
CA LEU C 44 -23.30 -7.71 15.45
C LEU C 44 -24.67 -7.99 14.82
N GLU C 45 -25.72 -7.37 15.38
CA GLU C 45 -27.06 -7.63 14.87
C GLU C 45 -27.25 -7.02 13.49
N LYS C 46 -26.58 -5.91 13.20
CA LYS C 46 -26.73 -5.27 11.90
C LYS C 46 -25.89 -5.92 10.81
N ALA C 47 -24.93 -6.77 11.17
CA ALA C 47 -23.95 -7.25 10.19
C ALA C 47 -24.60 -8.06 9.08
N HIS C 48 -25.59 -8.88 9.43
CA HIS C 48 -26.18 -9.87 8.55
C HIS C 48 -27.68 -9.76 8.75
N PRO C 49 -28.48 -9.95 7.71
CA PRO C 49 -29.95 -9.84 7.86
C PRO C 49 -30.58 -10.82 8.85
N SER C 50 -29.91 -11.92 9.17
CA SER C 50 -30.39 -12.87 10.17
C SER C 50 -30.42 -12.28 11.57
N SER C 51 -29.65 -11.21 11.79
CA SER C 51 -29.41 -10.55 13.08
C SER C 51 -28.52 -11.37 14.00
N LEU C 52 -27.95 -12.47 13.52
CA LEU C 52 -27.14 -13.37 14.36
C LEU C 52 -25.67 -13.32 14.00
N GLY C 53 -25.24 -12.37 13.17
CA GLY C 53 -23.93 -12.45 12.57
C GLY C 53 -23.94 -13.38 11.36
N PRO C 54 -22.75 -13.83 10.91
CA PRO C 54 -21.45 -13.58 11.52
C PRO C 54 -20.92 -12.18 11.25
N LEU C 55 -19.98 -11.74 12.07
CA LEU C 55 -19.29 -10.47 11.89
C LEU C 55 -17.79 -10.70 11.99
N ALA C 56 -17.06 -10.25 10.98
CA ALA C 56 -15.60 -10.27 11.05
C ALA C 56 -15.11 -9.14 11.96
N VAL C 57 -14.18 -9.47 12.87
CA VAL C 57 -13.52 -8.49 13.72
C VAL C 57 -12.03 -8.80 13.73
N LYS C 58 -11.23 -7.82 14.13
CA LYS C 58 -9.79 -8.00 14.24
C LYS C 58 -9.32 -7.49 15.59
N LEU C 59 -8.55 -8.30 16.30
CA LEU C 59 -8.08 -7.96 17.64
C LEU C 59 -6.61 -8.36 17.72
N LEU C 60 -5.74 -7.41 18.04
CA LEU C 60 -4.30 -7.70 18.16
C LEU C 60 -3.77 -8.40 16.90
N ASN C 61 -4.25 -7.93 15.74
CA ASN C 61 -3.91 -8.45 14.41
C ASN C 61 -4.39 -9.89 14.17
N GLU C 62 -5.30 -10.41 15.00
CA GLU C 62 -5.92 -11.72 14.77
C GLU C 62 -7.25 -11.54 14.06
N GLN C 63 -7.48 -12.30 13.01
CA GLN C 63 -8.75 -12.22 12.30
C GLN C 63 -9.73 -13.20 12.95
N LEU C 64 -10.81 -12.68 13.51
CA LEU C 64 -11.80 -13.43 14.26
C LEU C 64 -13.19 -13.26 13.67
N VAL C 65 -14.09 -14.17 14.03
CA VAL C 65 -15.48 -14.08 13.61
C VAL C 65 -16.36 -14.23 14.85
N VAL C 66 -17.37 -13.39 14.94
CA VAL C 66 -18.30 -13.36 16.07
C VAL C 66 -19.68 -13.71 15.55
N ALA C 67 -20.42 -14.53 16.31
CA ALA C 67 -21.79 -14.87 15.92
C ALA C 67 -22.59 -15.19 17.17
N LYS C 68 -23.91 -15.14 17.04
CA LYS C 68 -24.80 -15.55 18.13
C LYS C 68 -25.39 -16.91 17.76
N LEU C 69 -24.94 -17.94 18.47
CA LEU C 69 -25.42 -19.31 18.25
C LEU C 69 -26.35 -19.64 19.40
N GLY C 70 -27.65 -19.60 19.14
CA GLY C 70 -28.59 -19.78 20.23
C GLY C 70 -28.47 -18.63 21.21
N ASP C 71 -28.31 -18.96 22.49
CA ASP C 71 -28.20 -17.95 23.53
C ASP C 71 -26.78 -17.46 23.78
N GLU C 72 -25.79 -17.98 23.06
CA GLU C 72 -24.39 -17.72 23.34
C GLU C 72 -23.75 -16.84 22.27
N TYR C 73 -22.94 -15.87 22.67
CA TYR C 73 -22.06 -15.19 21.72
C TYR C 73 -20.76 -15.98 21.60
N VAL C 74 -20.37 -16.29 20.37
CA VAL C 74 -19.18 -17.11 20.14
C VAL C 74 -18.17 -16.31 19.34
N ALA C 75 -16.89 -16.59 19.57
CA ALA C 75 -15.78 -16.02 18.81
C ALA C 75 -14.84 -17.14 18.40
N MET C 76 -14.55 -17.25 17.09
CA MET C 76 -13.62 -18.22 16.56
C MET C 76 -12.62 -17.54 15.65
N ARG C 77 -11.54 -18.24 15.33
CA ARG C 77 -10.68 -17.73 14.27
C ARG C 77 -11.46 -17.74 12.95
N ASP C 78 -11.33 -16.66 12.18
CA ASP C 78 -12.11 -16.49 10.95
C ASP C 78 -11.45 -17.24 9.79
N ARG C 79 -11.39 -18.56 9.91
CA ARG C 79 -10.62 -19.38 8.97
C ARG C 79 -11.08 -20.81 9.10
N CYS C 80 -11.81 -21.30 8.10
CA CYS C 80 -12.31 -22.67 8.11
C CYS C 80 -11.16 -23.67 8.09
N ALA C 81 -11.30 -24.77 8.86
CA ALA C 81 -10.22 -25.75 8.92
C ALA C 81 -10.01 -26.51 7.59
N HIS C 82 -11.03 -26.57 6.75
CA HIS C 82 -11.02 -27.38 5.54
C HIS C 82 -10.11 -26.78 4.46
N ARG C 83 -10.53 -25.65 3.87
CA ARG C 83 -9.74 -24.97 2.84
C ARG C 83 -9.57 -23.47 3.12
N SER C 84 -9.66 -23.05 4.38
CA SER C 84 -9.21 -21.73 4.82
C SER C 84 -10.10 -20.59 4.34
N ALA C 85 -11.34 -20.86 3.93
CA ALA C 85 -12.25 -19.75 3.63
C ALA C 85 -12.63 -19.00 4.92
N LYS C 86 -13.10 -17.77 4.76
CA LYS C 86 -13.52 -16.99 5.92
C LYS C 86 -14.93 -17.39 6.34
N LEU C 87 -15.06 -17.86 7.58
CA LEU C 87 -16.36 -18.17 8.17
C LEU C 87 -17.23 -16.93 8.28
N SER C 88 -16.63 -15.74 8.29
CA SER C 88 -17.42 -14.53 8.35
C SER C 88 -18.21 -14.28 7.07
N LEU C 89 -17.92 -14.98 5.97
CA LEU C 89 -18.74 -14.93 4.77
C LEU C 89 -19.83 -15.99 4.78
N GLY C 90 -19.96 -16.72 5.89
CA GLY C 90 -20.92 -17.81 5.99
C GLY C 90 -22.21 -17.40 6.67
N THR C 91 -22.89 -18.37 7.28
CA THR C 91 -24.28 -18.21 7.68
C THR C 91 -24.50 -18.90 9.01
N VAL C 92 -25.24 -18.25 9.89
CA VAL C 92 -25.65 -18.89 11.13
C VAL C 92 -26.93 -19.68 10.86
N SER C 93 -26.97 -20.91 11.35
CA SER C 93 -28.14 -21.79 11.25
C SER C 93 -28.40 -22.29 12.68
N GLY C 94 -29.21 -21.55 13.44
CA GLY C 94 -29.47 -21.88 14.83
C GLY C 94 -28.21 -21.97 15.66
N ASN C 95 -27.80 -23.17 16.02
CA ASN C 95 -26.62 -23.35 16.88
C ASN C 95 -25.39 -23.76 16.08
N ARG C 96 -25.31 -23.37 14.81
CA ARG C 96 -24.17 -23.69 13.97
C ARG C 96 -23.76 -22.46 13.17
N LEU C 97 -22.46 -22.32 12.94
CA LEU C 97 -21.92 -21.38 11.96
C LEU C 97 -21.45 -22.20 10.76
N GLN C 98 -22.04 -21.94 9.59
CA GLN C 98 -21.80 -22.74 8.40
C GLN C 98 -20.82 -22.01 7.48
N CYS C 99 -19.75 -22.71 7.07
CA CYS C 99 -18.76 -22.14 6.14
C CYS C 99 -19.40 -21.93 4.76
N PRO C 100 -19.10 -20.81 4.07
CA PRO C 100 -19.72 -20.56 2.76
C PRO C 100 -19.23 -21.48 1.64
N TYR C 101 -18.10 -22.14 1.79
CA TYR C 101 -17.47 -22.84 0.65
C TYR C 101 -18.04 -24.25 0.48
N HIS C 102 -17.79 -25.15 1.43
CA HIS C 102 -18.32 -26.51 1.31
C HIS C 102 -19.27 -26.84 2.48
N GLY C 103 -19.77 -25.84 3.19
CA GLY C 103 -20.85 -26.04 4.11
C GLY C 103 -20.50 -26.74 5.41
N TRP C 104 -19.23 -26.82 5.78
CA TRP C 104 -18.92 -27.40 7.10
C TRP C 104 -19.63 -26.58 8.18
N GLN C 105 -20.16 -27.27 9.19
CA GLN C 105 -20.96 -26.64 10.23
C GLN C 105 -20.21 -26.72 11.55
N TYR C 106 -19.92 -25.57 12.14
CA TYR C 106 -19.20 -25.50 13.41
C TYR C 106 -20.14 -25.20 14.56
N ASP C 107 -19.97 -25.89 15.68
CA ASP C 107 -20.80 -25.67 16.85
C ASP C 107 -20.21 -24.57 17.75
N THR C 108 -20.81 -24.35 18.93
CA THR C 108 -20.35 -23.24 19.78
C THR C 108 -18.95 -23.46 20.35
N HIS C 109 -18.40 -24.67 20.25
CA HIS C 109 -17.07 -24.95 20.78
C HIS C 109 -16.02 -24.91 19.69
N GLY C 110 -16.41 -24.50 18.47
CA GLY C 110 -15.51 -24.48 17.34
C GLY C 110 -15.29 -25.81 16.65
N ALA C 111 -16.10 -26.82 16.95
CA ALA C 111 -15.88 -28.16 16.43
C ALA C 111 -16.78 -28.38 15.23
N CYS C 112 -16.23 -28.95 14.16
CA CYS C 112 -17.09 -29.27 13.02
C CYS C 112 -17.96 -30.47 13.36
N GLN C 113 -19.27 -30.34 13.14
CA GLN C 113 -20.23 -31.42 13.40
C GLN C 113 -20.95 -31.90 12.15
N LEU C 114 -20.65 -31.34 10.98
CA LEU C 114 -21.24 -31.85 9.75
C LEU C 114 -20.29 -31.54 8.60
N VAL C 115 -19.92 -32.58 7.86
CA VAL C 115 -19.19 -32.45 6.59
C VAL C 115 -20.16 -32.91 5.50
N PRO C 116 -20.85 -31.99 4.83
CA PRO C 116 -21.94 -32.42 3.93
C PRO C 116 -21.49 -33.34 2.82
N ALA C 117 -20.22 -33.27 2.40
CA ALA C 117 -19.77 -34.13 1.31
C ALA C 117 -19.60 -35.57 1.76
N CYS C 118 -19.45 -35.81 3.06
CA CYS C 118 -19.09 -37.12 3.60
C CYS C 118 -20.00 -37.46 4.77
N PRO C 119 -21.33 -37.41 4.57
CA PRO C 119 -22.23 -37.45 5.74
C PRO C 119 -22.07 -38.72 6.58
N ASN C 120 -21.53 -39.79 6.01
CA ASN C 120 -21.36 -41.06 6.72
C ASN C 120 -19.96 -41.25 7.28
N SER C 121 -18.94 -40.67 6.64
CA SER C 121 -17.58 -40.78 7.14
C SER C 121 -17.46 -40.14 8.52
N PRO C 122 -16.50 -40.59 9.33
CA PRO C 122 -16.22 -39.89 10.59
C PRO C 122 -15.52 -38.57 10.33
N ILE C 123 -15.91 -37.56 11.08
CA ILE C 123 -15.33 -36.21 10.89
C ILE C 123 -13.89 -36.21 11.42
N PRO C 124 -12.92 -35.72 10.65
CA PRO C 124 -11.54 -35.74 11.12
C PRO C 124 -11.39 -35.02 12.45
N ASN C 125 -10.51 -35.53 13.31
CA ASN C 125 -10.31 -34.88 14.60
C ASN C 125 -9.74 -33.48 14.45
N LYS C 126 -9.02 -33.24 13.36
CA LYS C 126 -8.46 -31.92 13.07
C LYS C 126 -9.50 -30.90 12.61
N ALA C 127 -10.74 -31.32 12.36
CA ALA C 127 -11.75 -30.41 11.81
C ALA C 127 -12.35 -29.58 12.96
N LYS C 128 -11.53 -28.67 13.47
CA LYS C 128 -11.93 -27.77 14.55
C LYS C 128 -11.21 -26.45 14.35
N VAL C 129 -11.84 -25.35 14.78
CA VAL C 129 -11.16 -24.05 14.74
C VAL C 129 -11.03 -23.52 16.17
N ASP C 130 -10.04 -22.68 16.39
CA ASP C 130 -9.83 -22.14 17.74
C ASP C 130 -11.03 -21.31 18.17
N ARG C 131 -11.47 -21.54 19.41
CA ARG C 131 -12.62 -20.86 19.99
C ARG C 131 -12.16 -20.07 21.21
N PHE C 132 -12.62 -18.81 21.33
CA PHE C 132 -12.13 -17.91 22.36
C PHE C 132 -13.25 -17.45 23.27
N ASP C 133 -12.89 -17.10 24.51
CA ASP C 133 -13.81 -16.46 25.46
C ASP C 133 -14.52 -15.31 24.78
N CYS C 134 -15.84 -15.26 24.92
CA CYS C 134 -16.62 -14.21 24.27
C CYS C 134 -17.86 -13.93 25.11
N GLU C 135 -18.01 -12.72 25.61
CA GLU C 135 -19.15 -12.38 26.45
C GLU C 135 -19.66 -11.00 26.12
N GLU C 136 -20.98 -10.82 26.23
CA GLU C 136 -21.61 -9.52 26.16
C GLU C 136 -21.56 -8.88 27.55
N ARG C 137 -21.21 -7.60 27.59
CA ARG C 137 -21.42 -6.83 28.82
C ARG C 137 -21.54 -5.36 28.45
N TYR C 138 -22.51 -4.67 29.05
CA TYR C 138 -22.78 -3.25 28.80
C TYR C 138 -23.19 -2.96 27.37
N GLY C 139 -23.59 -3.97 26.60
CA GLY C 139 -23.94 -3.74 25.22
C GLY C 139 -22.78 -3.83 24.25
N LEU C 140 -21.61 -4.23 24.72
CA LEU C 140 -20.49 -4.56 23.85
C LEU C 140 -20.22 -6.06 23.91
N ILE C 141 -19.54 -6.55 22.87
CA ILE C 141 -19.02 -7.92 22.84
C ILE C 141 -17.54 -7.88 23.17
N TRP C 142 -17.12 -8.67 24.17
CA TRP C 142 -15.74 -8.73 24.65
C TRP C 142 -15.13 -10.09 24.33
N ILE C 143 -13.86 -10.10 23.94
CA ILE C 143 -13.12 -11.34 23.63
C ILE C 143 -11.87 -11.36 24.50
N ARG C 144 -11.58 -12.52 25.11
CA ARG C 144 -10.30 -12.74 25.75
C ARG C 144 -9.60 -13.88 25.04
N LEU C 145 -8.46 -13.58 24.41
CA LEU C 145 -7.80 -14.56 23.56
C LEU C 145 -7.10 -15.66 24.34
N ASP C 146 -6.69 -15.38 25.57
CA ASP C 146 -5.94 -16.35 26.38
C ASP C 146 -6.50 -16.31 27.80
N SER C 147 -7.13 -17.41 28.24
CA SER C 147 -7.72 -17.47 29.57
C SER C 147 -6.84 -18.22 30.57
N SER C 148 -5.59 -18.50 30.22
CA SER C 148 -4.75 -19.41 30.99
C SER C 148 -4.35 -18.85 32.36
N PHE C 149 -4.21 -17.53 32.48
CA PHE C 149 -3.87 -16.95 33.79
C PHE C 149 -5.08 -16.79 34.69
N ASP C 150 -6.29 -16.87 34.12
CA ASP C 150 -7.55 -16.87 34.88
C ASP C 150 -7.58 -15.80 35.97
N CYS C 151 -7.14 -14.59 35.64
CA CYS C 151 -7.12 -13.52 36.63
C CYS C 151 -7.54 -12.16 36.08
N THR C 152 -8.14 -12.09 34.89
CA THR C 152 -8.56 -10.82 34.32
C THR C 152 -10.08 -10.83 34.17
N GLU C 153 -10.66 -9.64 34.21
CA GLU C 153 -12.09 -9.48 34.17
C GLU C 153 -12.45 -8.39 33.17
N ILE C 154 -13.70 -8.43 32.73
CA ILE C 154 -14.15 -7.35 31.85
C ILE C 154 -14.09 -6.02 32.61
N PRO C 155 -13.61 -4.94 31.99
CA PRO C 155 -13.50 -3.65 32.68
C PRO C 155 -14.76 -3.18 33.39
N TYR C 156 -14.55 -2.35 34.41
CA TYR C 156 -15.61 -1.83 35.26
C TYR C 156 -16.25 -0.58 34.67
N PHE C 157 -17.59 -0.58 34.58
CA PHE C 157 -18.41 0.53 34.15
C PHE C 157 -19.35 0.84 35.31
N SER C 158 -19.14 1.98 35.95
CA SER C 158 -19.85 2.26 37.21
C SER C 158 -21.34 2.45 37.04
N ALA C 159 -21.81 2.82 35.84
CA ALA C 159 -23.21 3.17 35.70
C ALA C 159 -24.11 1.98 35.41
N ALA C 160 -23.53 0.80 35.16
CA ALA C 160 -24.34 -0.35 34.86
C ALA C 160 -25.25 -0.68 36.04
N ASN C 161 -26.53 -0.95 35.75
CA ASN C 161 -27.52 -1.30 36.78
C ASN C 161 -27.77 -0.18 37.79
N ASP C 162 -27.38 1.08 37.48
CA ASP C 162 -27.78 2.20 38.33
C ASP C 162 -29.06 2.74 37.73
N PRO C 163 -30.22 2.46 38.34
CA PRO C 163 -31.49 2.88 37.74
C PRO C 163 -31.70 4.38 37.69
N ARG C 164 -30.87 5.18 38.35
CA ARG C 164 -30.98 6.62 38.25
C ARG C 164 -30.45 7.17 36.93
N LEU C 165 -29.70 6.39 36.16
CA LEU C 165 -28.93 6.89 35.01
C LEU C 165 -29.44 6.31 33.70
N ARG C 166 -29.58 7.18 32.69
CA ARG C 166 -29.89 6.76 31.33
C ARG C 166 -28.58 6.54 30.59
N ILE C 167 -28.46 5.41 29.90
CA ILE C 167 -27.20 4.98 29.27
C ILE C 167 -27.36 5.06 27.77
N VAL C 168 -26.34 5.60 27.10
CA VAL C 168 -26.28 5.69 25.64
C VAL C 168 -24.98 5.05 25.17
N ILE C 169 -25.08 4.12 24.23
CA ILE C 169 -23.92 3.46 23.63
C ILE C 169 -23.66 4.13 22.29
N GLN C 170 -22.54 4.82 22.13
CA GLN C 170 -22.29 5.47 20.83
C GLN C 170 -21.80 4.45 19.80
N GLU C 171 -21.93 4.83 18.53
CA GLU C 171 -21.32 4.04 17.48
C GLU C 171 -19.80 4.08 17.63
N PRO C 172 -19.10 3.00 17.33
CA PRO C 172 -17.64 2.99 17.48
C PRO C 172 -16.97 3.99 16.55
N TYR C 173 -15.77 4.43 16.96
CA TYR C 173 -15.00 5.37 16.15
C TYR C 173 -13.58 4.86 15.99
N TRP C 174 -13.08 4.90 14.75
CA TRP C 174 -11.81 4.33 14.38
C TRP C 174 -10.75 5.43 14.28
N TRP C 175 -9.61 5.19 14.89
CA TRP C 175 -8.49 6.12 14.82
C TRP C 175 -7.23 5.42 14.33
N ASP C 176 -6.43 6.14 13.54
CA ASP C 176 -5.10 5.67 13.17
C ASP C 176 -4.13 6.02 14.29
N ALA C 177 -4.34 5.41 15.45
CA ALA C 177 -3.49 5.60 16.61
C ALA C 177 -3.63 4.39 17.50
N THR C 178 -2.63 4.17 18.35
CA THR C 178 -2.62 2.97 19.19
C THR C 178 -3.48 3.16 20.43
N ALA C 179 -3.81 2.03 21.04
CA ALA C 179 -4.64 2.04 22.24
C ALA C 179 -3.92 2.75 23.39
N GLU C 180 -2.61 2.60 23.48
CA GLU C 180 -1.87 3.32 24.52
C GLU C 180 -1.95 4.82 24.31
N ARG C 181 -1.75 5.27 23.07
CA ARG C 181 -1.79 6.72 22.83
C ARG C 181 -3.20 7.26 23.04
N ARG C 182 -4.22 6.47 22.69
CA ARG C 182 -5.60 6.90 22.93
C ARG C 182 -5.89 7.01 24.43
N TRP C 183 -5.46 6.01 25.20
CA TRP C 183 -5.69 6.05 26.65
C TRP C 183 -5.03 7.30 27.25
N GLU C 184 -3.79 7.57 26.83
CA GLU C 184 -3.06 8.71 27.38
C GLU C 184 -3.71 10.02 26.96
N ASN C 185 -4.27 10.07 25.77
CA ASN C 185 -5.00 11.26 25.34
C ASN C 185 -6.23 11.48 26.22
N PHE C 186 -6.92 10.41 26.61
CA PHE C 186 -8.18 10.57 27.31
C PHE C 186 -7.95 11.06 28.73
N THR C 187 -6.86 10.66 29.36
CA THR C 187 -6.59 11.02 30.76
C THR C 187 -5.64 12.19 30.91
N ASP C 188 -5.32 12.89 29.84
CA ASP C 188 -4.35 13.98 29.94
C ASP C 188 -5.01 15.30 30.27
N PHE C 189 -4.53 15.93 31.33
CA PHE C 189 -5.11 17.17 31.81
C PHE C 189 -4.60 18.37 30.99
N SER C 190 -3.35 18.33 30.56
CA SER C 190 -2.72 19.54 30.04
C SER C 190 -3.09 19.89 28.60
N HIS C 191 -3.69 18.98 27.82
CA HIS C 191 -4.01 19.35 26.44
C HIS C 191 -5.34 20.07 26.30
N PHE C 192 -6.19 20.05 27.33
CA PHE C 192 -7.53 20.63 27.18
C PHE C 192 -7.46 22.07 26.70
N ALA C 193 -6.48 22.83 27.20
CA ALA C 193 -6.41 24.25 26.87
C ALA C 193 -6.05 24.49 25.42
N PHE C 194 -5.34 23.56 24.77
CA PHE C 194 -4.87 23.78 23.41
C PHE C 194 -5.67 23.05 22.35
N ILE C 195 -6.23 21.89 22.68
CA ILE C 195 -7.02 21.09 21.74
C ILE C 195 -8.51 21.35 21.93
N HIS C 196 -8.94 21.58 23.18
CA HIS C 196 -10.37 21.78 23.45
C HIS C 196 -10.70 23.16 24.02
N PRO C 197 -10.16 24.26 23.49
CA PRO C 197 -10.41 25.56 24.14
C PRO C 197 -11.86 25.97 24.17
N GLY C 198 -12.62 25.76 23.10
CA GLY C 198 -14.01 26.16 23.17
C GLY C 198 -14.89 25.24 23.99
N THR C 199 -14.43 24.03 24.24
CA THR C 199 -15.35 22.94 24.50
C THR C 199 -15.20 22.33 25.88
N LEU C 200 -13.98 22.13 26.37
CA LEU C 200 -13.78 21.50 27.68
C LEU C 200 -13.07 22.41 28.67
N PHE C 201 -12.10 23.20 28.23
CA PHE C 201 -11.32 24.03 29.13
C PHE C 201 -11.17 25.43 28.57
N ASP C 202 -11.13 26.42 29.46
CA ASP C 202 -10.61 27.72 29.05
C ASP C 202 -9.16 27.58 28.60
N PRO C 203 -8.73 28.33 27.57
CA PRO C 203 -7.31 28.30 27.18
C PRO C 203 -6.37 28.82 28.26
N ASN C 204 -6.88 29.41 29.34
CA ASN C 204 -6.04 29.96 30.41
C ASN C 204 -5.65 28.94 31.47
N ASN C 205 -6.42 27.87 31.64
CA ASN C 205 -6.13 26.86 32.67
C ASN C 205 -5.30 25.73 32.08
N ALA C 206 -4.03 26.05 31.85
CA ALA C 206 -3.09 25.09 31.28
C ALA C 206 -2.33 24.30 32.34
N GLU C 207 -2.32 24.76 33.60
CA GLU C 207 -1.51 24.12 34.63
C GLU C 207 -2.36 23.17 35.45
N PRO C 208 -2.17 21.86 35.33
CA PRO C 208 -3.00 20.92 36.06
C PRO C 208 -2.37 20.58 37.40
N PRO C 209 -3.17 20.15 38.37
CA PRO C 209 -2.60 19.60 39.59
C PRO C 209 -1.97 18.24 39.32
N ILE C 210 -1.09 17.84 40.23
CA ILE C 210 -0.49 16.52 40.20
C ILE C 210 -1.18 15.72 41.30
N VAL C 211 -1.91 14.68 40.92
CA VAL C 211 -2.82 14.02 41.87
C VAL C 211 -2.26 12.68 42.34
N PRO C 212 -2.61 12.23 43.54
CA PRO C 212 -2.23 10.87 43.94
C PRO C 212 -2.93 9.82 43.09
N MET C 213 -2.22 8.74 42.79
CA MET C 213 -2.75 7.65 41.98
C MET C 213 -2.65 6.34 42.74
N ASP C 214 -3.76 5.62 42.85
CA ASP C 214 -3.82 4.32 43.51
C ASP C 214 -3.97 3.19 42.50
N ARG C 215 -3.28 2.09 42.72
CA ARG C 215 -3.58 0.83 42.05
C ARG C 215 -4.42 -0.04 42.98
N PHE C 216 -5.57 -0.48 42.51
CA PHE C 216 -6.44 -1.35 43.32
C PHE C 216 -7.25 -2.24 42.40
N ASN C 217 -7.20 -3.56 42.64
CA ASN C 217 -7.97 -4.54 41.89
C ASN C 217 -7.74 -4.44 40.39
N GLY C 218 -6.51 -4.15 39.99
CA GLY C 218 -6.19 -4.04 38.57
C GLY C 218 -6.66 -2.76 37.90
N GLN C 219 -7.04 -1.75 38.68
CA GLN C 219 -7.48 -0.46 38.19
C GLN C 219 -6.55 0.65 38.70
N PHE C 220 -6.36 1.68 37.87
CA PHE C 220 -5.84 2.96 38.34
C PHE C 220 -7.00 3.81 38.84
N ARG C 221 -6.87 4.36 40.05
CA ARG C 221 -7.91 5.21 40.63
C ARG C 221 -7.29 6.54 41.03
N PHE C 222 -7.89 7.64 40.57
CA PHE C 222 -7.41 8.97 40.92
C PHE C 222 -8.54 9.96 40.71
N VAL C 223 -8.45 11.11 41.42
CA VAL C 223 -9.49 12.13 41.40
C VAL C 223 -8.86 13.48 41.04
N TYR C 224 -9.64 14.32 40.38
CA TYR C 224 -9.18 15.63 39.88
C TYR C 224 -10.35 16.59 39.90
N ASP C 225 -10.19 17.71 40.61
CA ASP C 225 -11.21 18.76 40.66
C ASP C 225 -10.85 19.83 39.62
N THR C 226 -11.51 19.77 38.44
CA THR C 226 -11.22 20.70 37.36
C THR C 226 -11.57 22.13 37.76
N PRO C 227 -11.02 23.13 37.05
CA PRO C 227 -11.31 24.53 37.40
C PRO C 227 -12.78 24.89 37.20
N GLU C 228 -13.28 25.75 38.09
CA GLU C 228 -14.66 26.24 38.06
C GLU C 228 -14.78 27.48 37.18
N ASP C 229 -16.03 27.84 36.86
CA ASP C 229 -16.36 29.08 36.17
C ASP C 229 -15.60 29.21 34.84
N MET C 230 -15.58 28.12 34.08
CA MET C 230 -14.98 28.13 32.76
C MET C 230 -16.06 28.35 31.71
N ALA C 231 -15.73 29.14 30.68
CA ALA C 231 -16.66 29.49 29.61
C ALA C 231 -16.77 28.31 28.64
N VAL C 232 -17.63 27.37 29.02
CA VAL C 232 -17.71 26.07 28.37
C VAL C 232 -19.19 25.66 28.31
N PRO C 233 -19.65 24.99 27.25
CA PRO C 233 -21.08 24.66 27.14
C PRO C 233 -21.59 23.86 28.34
N ASN C 234 -22.89 23.98 28.60
CA ASN C 234 -23.46 23.36 29.80
C ASN C 234 -23.51 21.83 29.71
N GLN C 235 -23.57 21.28 28.49
CA GLN C 235 -23.54 19.83 28.29
C GLN C 235 -22.12 19.27 28.41
N ALA C 236 -21.12 20.11 28.57
CA ALA C 236 -19.77 19.60 28.81
C ALA C 236 -19.67 18.96 30.20
N PRO C 237 -19.25 17.70 30.30
CA PRO C 237 -19.08 17.08 31.61
C PRO C 237 -17.86 17.64 32.33
N ILE C 238 -18.01 18.82 32.94
CA ILE C 238 -16.95 19.48 33.69
C ILE C 238 -17.36 19.55 35.15
N GLY C 239 -16.47 19.09 36.04
CA GLY C 239 -16.77 19.05 37.46
C GLY C 239 -15.68 18.33 38.23
N SER C 240 -16.09 17.63 39.29
CA SER C 240 -15.17 16.79 40.07
C SER C 240 -15.01 15.44 39.39
N PHE C 241 -13.78 15.09 38.99
CA PHE C 241 -13.51 13.95 38.12
C PHE C 241 -12.97 12.78 38.92
N SER C 242 -13.69 11.66 38.94
CA SER C 242 -13.22 10.44 39.60
C SER C 242 -12.99 9.34 38.57
N TYR C 243 -11.73 8.94 38.42
CA TYR C 243 -11.34 7.96 37.41
C TYR C 243 -11.18 6.58 38.04
N THR C 244 -11.75 5.57 37.38
CA THR C 244 -11.49 4.17 37.67
C THR C 244 -11.09 3.53 36.34
N CYS C 245 -9.82 3.24 36.18
CA CYS C 245 -9.28 2.79 34.88
C CYS C 245 -8.89 1.32 34.96
N SER C 246 -9.71 0.45 34.37
CA SER C 246 -9.36 -0.96 34.34
C SER C 246 -8.26 -1.19 33.33
N MET C 247 -7.10 -1.65 33.80
CA MET C 247 -5.97 -1.82 32.91
C MET C 247 -6.27 -2.93 31.91
N PRO C 248 -5.78 -2.79 30.66
CA PRO C 248 -4.88 -1.74 30.18
C PRO C 248 -5.54 -0.55 29.46
N PHE C 249 -6.81 -0.64 29.00
CA PHE C 249 -7.28 0.32 28.00
C PHE C 249 -8.65 0.93 28.29
N ALA C 250 -9.26 0.67 29.44
CA ALA C 250 -10.60 1.18 29.71
C ALA C 250 -10.55 2.29 30.74
N ILE C 251 -11.39 3.30 30.55
CA ILE C 251 -11.48 4.43 31.47
C ILE C 251 -12.94 4.64 31.84
N ASN C 252 -13.22 4.61 33.14
CA ASN C 252 -14.52 4.99 33.68
C ASN C 252 -14.35 6.30 34.41
N LEU C 253 -14.98 7.37 33.90
CA LEU C 253 -14.86 8.71 34.46
C LEU C 253 -16.21 9.14 34.98
N GLU C 254 -16.33 9.30 36.30
CA GLU C 254 -17.54 9.82 36.93
C GLU C 254 -17.37 11.30 37.20
N VAL C 255 -18.24 12.11 36.63
CA VAL C 255 -18.18 13.55 36.77
C VAL C 255 -19.36 14.00 37.61
N SER C 256 -19.07 14.66 38.73
CA SER C 256 -20.08 15.41 39.46
C SER C 256 -20.06 16.84 38.91
N LYS C 257 -20.97 17.15 37.98
CA LYS C 257 -20.89 18.36 37.17
C LYS C 257 -21.12 19.63 38.01
N TYR C 258 -20.30 20.64 37.74
CA TYR C 258 -20.48 21.95 38.39
C TYR C 258 -21.77 22.62 37.91
N SER C 259 -22.00 22.62 36.60
CA SER C 259 -23.07 23.42 36.00
C SER C 259 -24.46 22.91 36.36
N SER C 260 -24.62 21.61 36.61
CA SER C 260 -25.93 21.04 36.85
C SER C 260 -26.05 20.24 38.15
N SER C 261 -24.96 20.08 38.91
CA SER C 261 -24.97 19.33 40.17
C SER C 261 -25.57 17.92 40.00
N SER C 262 -25.18 17.24 38.91
CA SER C 262 -25.75 15.94 38.58
C SER C 262 -24.68 15.06 37.94
N LEU C 263 -24.89 13.74 38.05
CA LEU C 263 -23.86 12.77 37.71
C LEU C 263 -23.84 12.49 36.20
N HIS C 264 -22.64 12.47 35.64
CA HIS C 264 -22.42 12.14 34.24
C HIS C 264 -21.22 11.19 34.19
N VAL C 265 -21.37 10.06 33.52
CA VAL C 265 -20.34 9.03 33.50
C VAL C 265 -19.90 8.79 32.06
N LEU C 266 -18.60 8.80 31.84
CA LEU C 266 -18.01 8.47 30.55
C LEU C 266 -17.24 7.16 30.68
N PHE C 267 -17.51 6.21 29.79
CA PHE C 267 -16.82 4.93 29.79
C PHE C 267 -16.18 4.77 28.42
N ASN C 268 -14.86 4.88 28.35
CA ASN C 268 -14.17 4.85 27.07
C ASN C 268 -13.20 3.67 27.06
N VAL C 269 -13.22 2.89 25.98
CA VAL C 269 -12.33 1.74 25.91
C VAL C 269 -11.89 1.55 24.47
N SER C 270 -10.61 1.22 24.29
CA SER C 270 -9.99 1.08 22.96
C SER C 270 -9.73 -0.38 22.66
N CYS C 271 -10.19 -0.83 21.50
CA CYS C 271 -9.81 -2.14 20.99
C CYS C 271 -8.51 -2.01 20.22
N PRO C 272 -7.43 -2.70 20.62
CA PRO C 272 -6.19 -2.64 19.85
C PRO C 272 -6.31 -3.55 18.64
N VAL C 273 -6.71 -2.97 17.51
CA VAL C 273 -7.02 -3.76 16.32
C VAL C 273 -5.75 -4.32 15.71
N ASP C 274 -4.75 -3.48 15.54
CA ASP C 274 -3.41 -3.92 15.12
C ASP C 274 -2.41 -2.90 15.64
N SER C 275 -1.21 -2.93 15.08
CA SER C 275 -0.12 -2.10 15.61
C SER C 275 -0.34 -0.61 15.38
N HIS C 276 -1.26 -0.19 14.53
CA HIS C 276 -1.41 1.23 14.30
C HIS C 276 -2.85 1.72 14.31
N THR C 277 -3.81 0.92 14.78
CA THR C 277 -5.22 1.23 14.61
C THR C 277 -5.95 0.91 15.89
N THR C 278 -6.94 1.75 16.23
CA THR C 278 -7.85 1.43 17.32
C THR C 278 -9.29 1.54 16.85
N LYS C 279 -10.14 0.64 17.37
CA LYS C 279 -11.58 0.78 17.27
C LYS C 279 -12.05 1.16 18.67
N ASN C 280 -12.58 2.37 18.81
CA ASN C 280 -12.84 2.95 20.12
C ASN C 280 -14.33 3.00 20.42
N PHE C 281 -14.67 2.78 21.69
CA PHE C 281 -16.06 2.73 22.13
C PHE C 281 -16.26 3.77 23.22
N LEU C 282 -17.37 4.50 23.16
CA LEU C 282 -17.77 5.39 24.25
C LEU C 282 -19.18 5.02 24.66
N ILE C 283 -19.38 4.77 25.95
CA ILE C 283 -20.69 4.67 26.55
C ILE C 283 -20.81 5.79 27.58
N PHE C 284 -21.94 6.49 27.60
CA PHE C 284 -22.06 7.55 28.60
C PHE C 284 -23.41 7.45 29.29
N ALA C 285 -23.43 7.84 30.56
CA ALA C 285 -24.64 7.73 31.37
C ALA C 285 -24.90 9.07 32.04
N ARG C 286 -26.18 9.38 32.27
CA ARG C 286 -26.44 10.68 32.87
C ARG C 286 -27.67 10.63 33.76
N GLU C 287 -27.61 11.38 34.86
CA GLU C 287 -28.69 11.43 35.84
C GLU C 287 -29.81 12.35 35.39
N GLN C 288 -29.47 13.49 34.80
CA GLN C 288 -30.46 14.40 34.23
C GLN C 288 -30.65 13.99 32.78
N SER C 289 -31.75 13.27 32.50
CA SER C 289 -31.90 12.61 31.22
C SER C 289 -33.15 13.06 30.46
N ASP C 290 -33.70 14.22 30.79
CA ASP C 290 -34.85 14.71 30.06
C ASP C 290 -34.47 15.41 28.76
N ASP C 291 -33.17 15.59 28.50
CA ASP C 291 -32.70 16.25 27.30
C ASP C 291 -32.43 15.21 26.20
N SER C 292 -31.94 15.69 25.06
CA SER C 292 -31.71 14.82 23.92
C SER C 292 -30.41 14.04 24.06
N ASP C 293 -30.45 12.73 23.78
CA ASP C 293 -29.20 11.97 23.70
C ASP C 293 -28.22 12.62 22.72
N TYR C 294 -28.74 13.25 21.68
CA TYR C 294 -27.90 13.76 20.60
C TYR C 294 -27.24 15.08 20.95
N LEU C 295 -27.74 15.78 21.98
CA LEU C 295 -26.98 16.90 22.53
C LEU C 295 -25.62 16.41 23.02
N HIS C 296 -25.60 15.30 23.73
CA HIS C 296 -24.36 14.78 24.29
C HIS C 296 -23.54 14.04 23.24
N ILE C 297 -24.20 13.28 22.34
CA ILE C 297 -23.45 12.60 21.28
C ILE C 297 -22.72 13.62 20.42
N ALA C 298 -23.39 14.72 20.06
CA ALA C 298 -22.73 15.70 19.20
C ALA C 298 -21.56 16.37 19.91
N PHE C 299 -21.71 16.59 21.23
CA PHE C 299 -20.60 17.15 22.00
C PHE C 299 -19.43 16.17 22.08
N ASN C 300 -19.70 14.92 22.42
CA ASN C 300 -18.64 13.91 22.42
C ASN C 300 -17.96 13.82 21.05
N ASP C 301 -18.76 13.90 19.98
CA ASP C 301 -18.15 13.77 18.66
C ASP C 301 -17.29 14.98 18.32
N LEU C 302 -17.70 16.16 18.80
CA LEU C 302 -16.87 17.36 18.59
C LEU C 302 -15.54 17.24 19.33
N VAL C 303 -15.58 16.76 20.58
CA VAL C 303 -14.34 16.56 21.35
C VAL C 303 -13.43 15.58 20.63
N PHE C 304 -13.99 14.46 20.13
CA PHE C 304 -13.18 13.47 19.43
C PHE C 304 -12.61 14.06 18.14
N ALA C 305 -13.40 14.86 17.44
CA ALA C 305 -12.91 15.50 16.22
C ALA C 305 -11.77 16.46 16.51
N GLU C 306 -11.79 17.11 17.66
CA GLU C 306 -10.70 18.00 18.05
C GLU C 306 -9.42 17.20 18.37
N ASP C 307 -9.56 16.05 19.03
CA ASP C 307 -8.38 15.23 19.36
C ASP C 307 -7.80 14.53 18.13
N LYS C 308 -8.66 14.03 17.24
CA LYS C 308 -8.23 13.02 16.27
C LYS C 308 -7.04 13.42 15.39
N PRO C 309 -7.00 14.57 14.73
CA PRO C 309 -5.85 14.83 13.86
C PRO C 309 -4.54 14.91 14.64
N VAL C 310 -4.55 15.43 15.87
CA VAL C 310 -3.29 15.54 16.60
C VAL C 310 -2.82 14.17 17.08
N ILE C 311 -3.73 13.34 17.60
CA ILE C 311 -3.33 12.00 18.03
C ILE C 311 -2.89 11.15 16.86
N GLU C 312 -3.60 11.22 15.73
CA GLU C 312 -3.16 10.46 14.57
C GLU C 312 -1.82 10.96 14.03
N SER C 313 -1.43 12.21 14.34
CA SER C 313 -0.16 12.71 13.83
C SER C 313 1.04 12.19 14.61
N GLN C 314 0.83 11.70 15.84
CA GLN C 314 1.97 11.30 16.66
C GLN C 314 2.73 10.17 16.00
N TRP C 315 4.06 10.31 15.90
CA TRP C 315 4.87 9.30 15.24
C TRP C 315 6.23 9.20 15.91
N PRO C 316 6.78 7.97 16.00
CA PRO C 316 6.21 6.67 15.61
C PRO C 316 4.94 6.32 16.40
N LYS C 317 4.16 5.34 15.92
CA LYS C 317 2.86 5.05 16.53
C LYS C 317 3.02 4.65 17.99
N ASP C 318 4.04 3.85 18.32
CA ASP C 318 4.35 3.50 19.69
C ASP C 318 5.31 4.52 20.29
N ALA C 319 5.04 4.92 21.55
CA ALA C 319 5.88 5.92 22.21
C ALA C 319 7.30 5.38 22.37
N PRO C 320 8.29 5.99 21.78
CA PRO C 320 9.68 5.53 21.94
C PRO C 320 10.32 6.13 23.18
N ALA C 321 11.49 5.60 23.50
CA ALA C 321 12.17 5.98 24.73
C ALA C 321 12.62 7.43 24.73
N ASP C 322 12.63 8.08 23.58
CA ASP C 322 13.20 9.43 23.50
C ASP C 322 12.19 10.53 23.82
N GLU C 323 10.94 10.18 24.14
CA GLU C 323 9.97 11.21 24.49
C GLU C 323 10.33 11.85 25.83
N VAL C 324 10.09 13.15 25.94
CA VAL C 324 10.52 13.98 27.06
C VAL C 324 9.32 14.27 27.96
N SER C 325 9.30 13.72 29.19
CA SER C 325 8.18 14.01 30.08
C SER C 325 8.50 15.17 31.02
N VAL C 326 7.43 15.79 31.51
CA VAL C 326 7.51 16.81 32.55
C VAL C 326 6.63 16.37 33.72
N VAL C 327 6.70 17.12 34.82
CA VAL C 327 6.04 16.65 36.04
C VAL C 327 4.54 16.58 35.87
N ALA C 328 3.95 17.45 35.03
CA ALA C 328 2.52 17.39 34.79
C ALA C 328 2.08 16.13 34.05
N ASP C 329 3.01 15.33 33.52
CA ASP C 329 2.70 14.07 32.84
C ASP C 329 2.54 12.88 33.79
N LYS C 330 2.28 13.13 35.08
CA LYS C 330 2.27 12.03 36.05
C LYS C 330 1.42 10.85 35.60
N VAL C 331 0.20 11.12 35.13
CA VAL C 331 -0.69 10.02 34.78
C VAL C 331 -0.07 9.16 33.69
N SER C 332 0.41 9.79 32.60
CA SER C 332 0.97 8.95 31.55
C SER C 332 2.29 8.30 31.96
N ILE C 333 3.10 8.98 32.79
CA ILE C 333 4.32 8.35 33.29
C ILE C 333 3.97 7.09 34.07
N GLN C 334 2.99 7.18 34.95
CA GLN C 334 2.64 6.04 35.79
C GLN C 334 1.95 4.94 34.98
N TYR C 335 1.18 5.34 33.98
CA TYR C 335 0.56 4.36 33.09
C TYR C 335 1.61 3.56 32.35
N ARG C 336 2.59 4.24 31.77
CA ARG C 336 3.65 3.54 31.05
C ARG C 336 4.45 2.63 31.97
N LYS C 337 4.67 3.06 33.20
CA LYS C 337 5.38 2.23 34.17
C LYS C 337 4.60 0.95 34.49
N TRP C 338 3.29 1.05 34.70
CA TRP C 338 2.53 -0.16 35.00
C TRP C 338 2.48 -1.08 33.78
N LEU C 339 2.28 -0.54 32.57
CA LEU C 339 2.27 -1.42 31.40
C LEU C 339 3.57 -2.18 31.28
N ARG C 340 4.70 -1.50 31.53
CA ARG C 340 5.99 -2.18 31.44
C ARG C 340 6.10 -3.29 32.48
N GLU C 341 5.63 -3.05 33.70
CA GLU C 341 5.68 -4.09 34.73
C GLU C 341 4.82 -5.28 34.36
N LEU C 342 3.66 -5.04 33.73
CA LEU C 342 2.79 -6.15 33.33
C LEU C 342 3.45 -6.97 32.24
N LYS C 343 4.06 -6.28 31.28
CA LYS C 343 4.77 -6.96 30.21
C LYS C 343 5.89 -7.83 30.78
N GLU C 344 6.65 -7.30 31.74
CA GLU C 344 7.74 -8.07 32.33
C GLU C 344 7.21 -9.22 33.18
N ALA C 345 6.11 -8.99 33.90
CA ALA C 345 5.54 -10.04 34.75
C ALA C 345 4.95 -11.16 33.91
N HIS C 346 4.35 -10.84 32.76
CA HIS C 346 3.83 -11.87 31.88
C HIS C 346 4.91 -12.88 31.48
N LYS C 347 6.13 -12.39 31.24
CA LYS C 347 7.26 -13.28 30.93
C LYS C 347 7.54 -14.25 32.07
N GLU C 348 7.25 -13.86 33.32
CA GLU C 348 7.58 -14.69 34.46
C GLU C 348 6.48 -15.65 34.85
N GLY C 349 5.29 -15.50 34.29
CA GLY C 349 4.27 -16.52 34.36
C GLY C 349 3.05 -16.05 35.13
N SER C 350 2.13 -16.99 35.32
CA SER C 350 0.78 -16.66 35.79
C SER C 350 0.80 -15.97 37.15
N GLN C 351 1.57 -16.49 38.10
CA GLN C 351 1.53 -15.91 39.43
C GLN C 351 2.14 -14.51 39.44
N ALA C 352 3.26 -14.32 38.74
CA ALA C 352 3.90 -13.01 38.70
C ALA C 352 2.99 -11.99 38.03
N PHE C 353 2.31 -12.41 36.98
CA PHE C 353 1.37 -11.51 36.30
C PHE C 353 0.21 -11.15 37.22
N ARG C 354 -0.35 -12.13 37.94
CA ARG C 354 -1.46 -11.84 38.83
C ARG C 354 -1.07 -10.82 39.89
N SER C 355 0.15 -10.95 40.44
CA SER C 355 0.59 -10.00 41.46
C SER C 355 0.79 -8.62 40.87
N ALA C 356 1.43 -8.51 39.70
CA ALA C 356 1.66 -7.20 39.09
C ALA C 356 0.34 -6.50 38.79
N LEU C 357 -0.68 -7.26 38.39
CA LEU C 357 -1.96 -6.66 38.05
C LEU C 357 -2.82 -6.34 39.27
N LEU C 358 -2.87 -7.25 40.26
CA LEU C 358 -3.88 -7.15 41.29
C LEU C 358 -3.37 -6.67 42.65
N ASP C 359 -2.06 -6.61 42.87
CA ASP C 359 -1.56 -6.10 44.14
C ASP C 359 -1.90 -4.62 44.28
N PRO C 360 -2.35 -4.20 45.46
CA PRO C 360 -2.66 -2.78 45.66
C PRO C 360 -1.40 -1.96 45.88
N VAL C 361 -1.45 -0.73 45.38
CA VAL C 361 -0.37 0.23 45.60
C VAL C 361 -1.05 1.56 45.87
N ILE C 362 -1.10 1.97 47.14
CA ILE C 362 -1.96 3.08 47.54
C ILE C 362 -1.11 4.32 47.81
N GLU C 363 -1.49 5.41 47.15
CA GLU C 363 -0.84 6.70 47.27
C GLU C 363 -1.70 7.72 48.00
N SER C 364 -3.02 7.58 47.95
CA SER C 364 -3.92 8.59 48.50
C SER C 364 -4.24 8.26 49.97
N ASP C 365 -5.12 9.06 50.56
CA ASP C 365 -5.60 8.85 51.92
C ASP C 365 -6.90 8.05 51.96
N ARG C 366 -7.33 7.49 50.83
CA ARG C 366 -8.58 6.75 50.74
C ARG C 366 -8.40 5.30 51.16
N SER C 367 -9.50 4.68 51.58
CA SER C 367 -9.56 3.26 51.90
C SER C 367 -10.43 2.56 50.87
N TYR C 368 -10.04 1.34 50.51
CA TYR C 368 -10.78 0.59 49.50
C TYR C 368 -11.26 -0.77 50.04
#